data_7EBP
#
_entry.id   7EBP
#
_cell.length_a   64.342
_cell.length_b   112.722
_cell.length_c   165.011
_cell.angle_alpha   90.0
_cell.angle_beta   90.0
_cell.angle_gamma   90.0
#
_symmetry.space_group_name_H-M   'P 21 21 21'
#
loop_
_entity.id
_entity.type
_entity.pdbx_description
1 polymer Sulfatase
2 non-polymer 'CALCIUM ION'
3 non-polymer GLYCEROL
4 water water
#
_entity_poly.entity_id   1
_entity_poly.type   'polypeptide(L)'
_entity_poly.pdbx_seq_one_letter_code
;QTKAEENKKPNILFIITDDHAYQTLGTGNNDSPVALPNFNKLGRQGMVFDRSYCANSLCGPSRACILTGRHSHMNGFVFN
GQRPLDGSQPTYPKMLQKAGYQTGLFGKWHLESDPTGFDTWEIFPGQGSYYNPDFISLKPDGKRQTKRFPGYATDVVTDK
SIQWLGNRDKNKPFLLVVGHKAPHRAWCPALRHLGKVDTSSMTPPANFHDDYANRPEFLKKNQQTVANHMAIYSDLKVLK
DQVPEEMRKSIVSPGYGWDLGELNRMTPEEKKTWTDYYAKRTKSLVDGMKSGKLKDPKAFAEWKWHAYMEDYLGCLLSVD
DSIGRLMEYLDKEGIAKDTLVIYCGDQGFYMGEHGMYDKRWIFEESLRMPLIMRWPGKIPAGIRNNTMVQNIDYAPTIVS
AAGADTPENMNTFQGVSLLPTAFTGKTPDNWRDAIYYCFYENPGEHNAPRHDGIRTDRYTLSYIWTSDEWMLFDMKKDPM
QMKNVIDDPAYKTTVEQLKKRYHELRKTYKVPENSPGGKGTPIPKFDASW
;
_entity_poly.pdbx_strand_id   A,B
#
# COMPACT_ATOMS: atom_id res chain seq x y z
N GLU A 5 11.89 38.55 -52.14
CA GLU A 5 12.23 37.47 -53.03
C GLU A 5 12.66 36.19 -52.31
N GLU A 6 13.35 36.24 -51.20
CA GLU A 6 13.80 34.97 -50.61
C GLU A 6 12.63 34.22 -50.04
N ASN A 7 12.65 32.90 -50.10
CA ASN A 7 11.62 32.10 -49.54
C ASN A 7 12.07 31.63 -48.16
N LYS A 8 11.11 31.53 -47.26
CA LYS A 8 11.38 31.11 -45.89
C LYS A 8 12.03 29.72 -45.86
N LYS A 9 13.06 29.58 -45.02
CA LYS A 9 13.67 28.25 -44.86
C LYS A 9 13.18 27.60 -43.56
N PRO A 10 12.82 26.31 -43.58
CA PRO A 10 12.28 25.70 -42.37
C PRO A 10 13.37 25.29 -41.41
N ASN A 11 13.07 25.30 -40.13
CA ASN A 11 14.00 24.72 -39.17
C ASN A 11 13.91 23.20 -39.34
N ILE A 12 14.95 22.52 -38.92
CA ILE A 12 14.95 21.08 -38.97
C ILE A 12 15.35 20.50 -37.63
N LEU A 13 14.44 19.74 -37.02
CA LEU A 13 14.69 19.12 -35.75
C LEU A 13 14.79 17.63 -36.04
N PHE A 14 16.00 17.10 -35.90
CA PHE A 14 16.26 15.69 -36.23
C PHE A 14 16.52 14.93 -34.94
N ILE A 15 15.60 14.08 -34.57
CA ILE A 15 15.69 13.31 -33.36
C ILE A 15 16.09 11.89 -33.79
N ILE A 16 17.23 11.41 -33.31
CA ILE A 16 17.71 10.12 -33.71
C ILE A 16 17.98 9.24 -32.48
N THR A 17 17.27 8.17 -32.31
CA THR A 17 17.53 7.29 -31.22
C THR A 17 18.45 6.17 -31.69
N ASP A 18 18.87 5.37 -30.76
CA ASP A 18 19.75 4.29 -31.05
C ASP A 18 19.17 2.93 -30.77
N ASP A 19 18.97 2.14 -31.80
CA ASP A 19 18.49 0.78 -31.71
C ASP A 19 17.00 0.65 -31.40
N HIS A 20 16.23 1.60 -31.91
CA HIS A 20 14.76 1.58 -31.72
C HIS A 20 14.08 0.71 -32.78
N ALA A 21 13.43 -0.35 -32.31
CA ALA A 21 12.76 -1.30 -33.20
C ALA A 21 11.42 -0.71 -33.66
N TYR A 22 11.12 -0.88 -34.95
CA TYR A 22 9.85 -0.34 -35.47
C TYR A 22 8.69 -1.05 -34.76
N GLN A 23 8.93 -2.26 -34.27
CA GLN A 23 7.87 -3.03 -33.58
C GLN A 23 7.43 -2.32 -32.30
N THR A 24 8.19 -1.33 -31.84
CA THR A 24 7.89 -0.65 -30.56
C THR A 24 7.73 0.86 -30.78
N LEU A 25 7.42 1.28 -32.01
CA LEU A 25 7.43 2.72 -32.33
C LEU A 25 6.24 3.48 -31.74
N GLY A 26 5.13 2.79 -31.41
CA GLY A 26 4.04 3.44 -30.68
C GLY A 26 3.10 4.28 -31.54
N THR A 27 3.10 4.11 -32.86
CA THR A 27 2.28 4.95 -33.71
C THR A 27 0.88 4.41 -33.97
N GLY A 28 0.59 3.18 -33.57
CA GLY A 28 -0.72 2.61 -33.88
C GLY A 28 -0.98 1.38 -33.06
N ASN A 29 -2.06 0.69 -33.44
CA ASN A 29 -2.54 -0.42 -32.61
C ASN A 29 -1.62 -1.62 -32.63
N ASN A 30 -0.72 -1.72 -33.59
CA ASN A 30 0.07 -2.95 -33.71
C ASN A 30 1.58 -2.73 -33.52
N ASP A 31 1.99 -1.56 -33.02
CA ASP A 31 3.41 -1.34 -32.71
C ASP A 31 3.57 -0.66 -31.36
N SER A 32 2.64 -0.90 -30.42
CA SER A 32 2.63 -0.23 -29.12
C SER A 32 2.59 -1.25 -27.97
N PRO A 33 3.61 -2.11 -27.86
CA PRO A 33 3.66 -3.01 -26.69
C PRO A 33 3.60 -2.25 -25.38
N VAL A 34 4.16 -1.05 -25.34
CA VAL A 34 3.90 -0.07 -24.30
C VAL A 34 3.31 1.17 -24.98
N ALA A 35 2.41 1.85 -24.27
CA ALA A 35 1.83 3.07 -24.80
C ALA A 35 2.87 4.18 -24.80
N LEU A 36 3.00 4.86 -25.94
CA LEU A 36 3.93 5.98 -26.12
C LEU A 36 3.13 7.14 -26.67
N PRO A 37 2.46 7.90 -25.81
CA PRO A 37 1.47 8.87 -26.31
C PRO A 37 2.10 9.99 -27.12
N ASN A 38 3.35 10.37 -26.83
CA ASN A 38 3.93 11.46 -27.61
C ASN A 38 4.42 10.99 -28.96
N PHE A 39 4.91 9.74 -29.05
CA PHE A 39 5.16 9.15 -30.35
C PHE A 39 3.87 9.06 -31.14
N ASN A 40 2.80 8.61 -30.50
CA ASN A 40 1.53 8.46 -31.19
C ASN A 40 1.04 9.80 -31.73
N LYS A 41 1.18 10.85 -30.94
CA LYS A 41 0.71 12.17 -31.37
C LYS A 41 1.55 12.71 -32.52
N LEU A 42 2.87 12.50 -32.47
CA LEU A 42 3.70 12.90 -33.61
C LEU A 42 3.26 12.20 -34.89
N GLY A 43 2.97 10.89 -34.81
CA GLY A 43 2.46 10.20 -35.97
C GLY A 43 1.11 10.74 -36.44
N ARG A 44 0.20 11.03 -35.49
CA ARG A 44 -1.10 11.58 -35.89
C ARG A 44 -0.94 12.88 -36.65
N GLN A 45 0.10 13.65 -36.34
CA GLN A 45 0.32 14.95 -36.94
C GLN A 45 1.11 14.88 -38.22
N GLY A 46 1.67 13.69 -38.47
CA GLY A 46 2.56 13.52 -39.62
C GLY A 46 2.49 12.18 -40.33
N MET A 47 3.65 11.73 -40.78
CA MET A 47 3.69 10.52 -41.63
C MET A 47 4.67 9.49 -41.06
N VAL A 48 4.20 8.26 -40.98
CA VAL A 48 5.07 7.13 -40.54
C VAL A 48 5.45 6.36 -41.80
N PHE A 49 6.73 6.07 -41.91
CA PHE A 49 7.23 5.39 -43.13
C PHE A 49 7.41 3.92 -42.81
N ASP A 50 6.52 3.08 -43.33
CA ASP A 50 6.51 1.66 -42.95
C ASP A 50 7.43 0.82 -43.81
N ARG A 51 8.07 1.39 -44.83
CA ARG A 51 9.04 0.71 -45.68
C ARG A 51 10.33 1.52 -45.72
N SER A 52 10.74 1.96 -44.53
CA SER A 52 11.96 2.70 -44.27
C SER A 52 13.11 1.75 -43.88
N TYR A 53 14.24 1.90 -44.53
CA TYR A 53 15.37 0.97 -44.39
C TYR A 53 16.68 1.69 -44.18
N CYS A 54 17.67 0.93 -43.72
CA CYS A 54 19.07 1.44 -43.66
C CYS A 54 19.91 0.74 -44.75
N ALA A 55 21.14 1.18 -44.97
CA ALA A 55 22.02 0.60 -46.01
C ALA A 55 23.15 -0.22 -45.38
N ASN A 56 23.23 -0.22 -44.06
CA ASN A 56 24.30 -0.88 -43.27
C ASN A 56 23.77 -0.82 -41.82
N SER A 57 23.36 -1.95 -41.25
CA SER A 57 22.60 -1.89 -39.98
C SER A 57 23.56 -1.94 -38.79
N LEU A 58 24.15 -0.79 -38.53
CA LEU A 58 25.16 -0.62 -37.47
C LEU A 58 25.21 0.87 -37.14
N CYS A 59 25.44 1.17 -35.86
CA CYS A 59 25.20 2.52 -35.33
C CYS A 59 26.03 3.59 -36.07
N GLY A 60 27.35 3.42 -36.06
CA GLY A 60 28.21 4.40 -36.70
C GLY A 60 27.93 4.54 -38.17
N PRO A 61 27.97 3.42 -38.91
CA PRO A 61 27.74 3.48 -40.35
C PRO A 61 26.39 4.10 -40.71
N SER A 62 25.33 3.83 -39.95
CA SER A 62 24.04 4.44 -40.28
C SER A 62 24.14 5.97 -40.17
N ARG A 63 24.77 6.46 -39.07
CA ARG A 63 24.89 7.90 -38.90
C ARG A 63 25.71 8.53 -40.02
N ALA A 64 26.74 7.83 -40.51
CA ALA A 64 27.51 8.36 -41.62
C ALA A 64 26.70 8.36 -42.91
N CYS A 65 25.89 7.33 -43.14
CA CYS A 65 25.00 7.32 -44.30
C CYS A 65 24.03 8.49 -44.23
N ILE A 66 23.50 8.76 -43.03
CA ILE A 66 22.56 9.87 -42.87
C ILE A 66 23.22 11.19 -43.20
N LEU A 67 24.45 11.40 -42.70
CA LEU A 67 25.14 12.67 -42.91
C LEU A 67 25.48 12.93 -44.36
N THR A 68 25.79 11.87 -45.11
CA THR A 68 26.38 12.01 -46.43
C THR A 68 25.43 11.71 -47.57
N GLY A 69 24.29 11.06 -47.31
CA GLY A 69 23.50 10.65 -48.46
C GLY A 69 24.19 9.64 -49.34
N ARG A 70 25.19 8.93 -48.81
CA ARG A 70 25.99 8.00 -49.60
C ARG A 70 26.18 6.71 -48.84
N HIS A 71 26.31 5.61 -49.60
CA HIS A 71 26.60 4.30 -49.03
C HIS A 71 27.94 4.28 -48.30
N SER A 72 28.10 3.29 -47.41
CA SER A 72 29.26 3.19 -46.53
C SER A 72 30.57 3.17 -47.30
N HIS A 73 30.63 2.41 -48.41
CA HIS A 73 31.88 2.34 -49.15
C HIS A 73 32.25 3.67 -49.80
N MET A 74 31.31 4.61 -49.90
CA MET A 74 31.58 5.94 -50.41
C MET A 74 31.90 6.94 -49.31
N ASN A 75 31.21 6.87 -48.16
CA ASN A 75 31.51 7.82 -47.09
C ASN A 75 32.67 7.35 -46.23
N GLY A 76 33.03 6.06 -46.31
CA GLY A 76 34.24 5.52 -45.73
C GLY A 76 34.10 4.99 -44.33
N PHE A 77 32.95 5.14 -43.68
CA PHE A 77 32.76 4.69 -42.31
C PHE A 77 31.94 3.40 -42.39
N VAL A 78 32.62 2.26 -42.48
CA VAL A 78 31.94 1.01 -42.82
C VAL A 78 31.66 0.13 -41.62
N PHE A 79 32.31 0.42 -40.50
CA PHE A 79 32.12 -0.39 -39.30
C PHE A 79 32.40 0.44 -38.06
N ASN A 80 32.01 -0.07 -36.90
CA ASN A 80 32.22 0.63 -35.62
C ASN A 80 33.69 0.38 -35.29
N GLY A 81 34.55 0.93 -36.13
CA GLY A 81 35.99 0.74 -35.96
C GLY A 81 36.65 1.99 -35.46
N GLN A 82 37.98 1.94 -35.45
CA GLN A 82 38.73 3.08 -34.88
C GLN A 82 39.30 3.93 -36.02
N ARG A 83 38.78 3.73 -37.23
CA ARG A 83 39.20 4.61 -38.34
C ARG A 83 38.21 5.78 -38.34
N PRO A 84 38.66 7.02 -38.07
CA PRO A 84 37.69 8.12 -37.93
C PRO A 84 36.96 8.45 -39.23
N LEU A 85 35.71 8.92 -39.09
CA LEU A 85 35.01 9.50 -40.23
C LEU A 85 35.83 10.66 -40.80
N ASP A 86 35.98 10.71 -42.11
CA ASP A 86 36.63 11.87 -42.73
C ASP A 86 35.60 13.00 -42.76
N GLY A 87 35.67 13.91 -41.77
CA GLY A 87 34.72 15.02 -41.72
C GLY A 87 34.93 16.11 -42.74
N SER A 88 35.95 16.01 -43.60
CA SER A 88 36.16 17.04 -44.61
C SER A 88 35.36 16.79 -45.88
N GLN A 89 34.76 15.63 -46.02
CA GLN A 89 33.90 15.33 -47.16
C GLN A 89 32.58 16.07 -47.04
N PRO A 90 31.76 16.05 -48.08
CA PRO A 90 30.47 16.74 -48.02
C PRO A 90 29.53 16.06 -47.00
N THR A 91 28.82 16.88 -46.24
CA THR A 91 27.82 16.41 -45.29
C THR A 91 26.69 17.43 -45.24
N TYR A 92 25.48 16.99 -44.96
CA TYR A 92 24.37 17.91 -44.96
C TYR A 92 24.47 19.07 -43.93
N PRO A 93 24.96 18.79 -42.72
CA PRO A 93 25.11 19.92 -41.79
C PRO A 93 26.02 21.02 -42.34
N LYS A 94 27.16 20.64 -42.94
CA LYS A 94 27.99 21.66 -43.57
C LYS A 94 27.23 22.40 -44.67
N MET A 95 26.43 21.69 -45.46
CA MET A 95 25.69 22.36 -46.53
C MET A 95 24.67 23.31 -45.96
N LEU A 96 23.99 22.93 -44.86
CA LEU A 96 23.02 23.83 -44.26
C LEU A 96 23.72 25.01 -43.59
N GLN A 97 24.80 24.73 -42.85
CA GLN A 97 25.60 25.80 -42.28
C GLN A 97 25.98 26.83 -43.32
N LYS A 98 26.44 26.38 -44.46
CA LYS A 98 26.83 27.26 -45.54
C LYS A 98 25.69 28.08 -46.10
N ALA A 99 24.50 27.53 -46.06
CA ALA A 99 23.28 28.15 -46.57
C ALA A 99 22.57 29.00 -45.51
N GLY A 100 23.20 29.23 -44.37
CA GLY A 100 22.69 30.15 -43.39
C GLY A 100 22.02 29.55 -42.19
N TYR A 101 22.11 28.24 -41.99
CA TYR A 101 21.53 27.60 -40.82
C TYR A 101 22.46 27.72 -39.62
N GLN A 102 21.87 27.87 -38.44
CA GLN A 102 22.60 27.67 -37.20
C GLN A 102 22.46 26.19 -36.84
N THR A 103 23.57 25.51 -36.61
CA THR A 103 23.56 24.04 -36.49
C THR A 103 24.04 23.60 -35.11
N GLY A 104 23.33 22.62 -34.54
CA GLY A 104 23.65 22.14 -33.20
C GLY A 104 23.45 20.63 -33.12
N LEU A 105 24.31 20.01 -32.32
CA LEU A 105 24.31 18.55 -32.11
C LEU A 105 24.53 18.28 -30.63
N PHE A 106 23.63 17.50 -30.02
CA PHE A 106 23.80 17.05 -28.64
C PHE A 106 23.61 15.53 -28.55
N GLY A 107 24.57 14.88 -27.90
CA GLY A 107 24.42 13.46 -27.62
C GLY A 107 25.33 12.54 -28.39
N LYS A 108 24.77 11.44 -28.92
CA LYS A 108 25.63 10.44 -29.53
C LYS A 108 26.13 10.83 -30.91
N TRP A 109 27.41 10.59 -31.10
CA TRP A 109 28.11 10.83 -32.34
C TRP A 109 28.80 9.49 -32.69
N HIS A 110 29.81 9.13 -31.95
CA HIS A 110 30.55 7.89 -32.15
C HIS A 110 31.10 7.65 -33.57
N LEU A 111 31.57 8.70 -34.19
CA LEU A 111 32.15 8.65 -35.49
C LEU A 111 33.67 8.96 -35.44
N GLU A 112 34.22 8.95 -34.24
CA GLU A 112 35.66 9.07 -34.02
C GLU A 112 36.43 10.27 -34.52
N SER A 113 35.77 11.34 -34.91
CA SER A 113 36.39 12.56 -35.36
C SER A 113 35.51 13.69 -34.85
N ASP A 114 36.07 14.85 -34.67
CA ASP A 114 35.26 15.99 -34.22
C ASP A 114 34.15 16.25 -35.23
N PRO A 115 32.92 16.49 -34.77
CA PRO A 115 31.86 16.86 -35.71
C PRO A 115 32.26 18.06 -36.58
N THR A 116 31.91 18.03 -37.86
CA THR A 116 32.08 19.21 -38.71
C THR A 116 30.73 19.71 -39.16
N GLY A 117 30.67 21.01 -39.46
CA GLY A 117 29.42 21.61 -39.89
C GLY A 117 28.45 21.93 -38.77
N PHE A 118 28.83 21.76 -37.50
CA PHE A 118 27.99 22.11 -36.37
C PHE A 118 28.56 23.30 -35.62
N ASP A 119 27.78 24.38 -35.56
CA ASP A 119 28.19 25.56 -34.79
C ASP A 119 28.39 25.22 -33.32
N THR A 120 27.49 24.39 -32.77
CA THR A 120 27.54 23.93 -31.39
C THR A 120 27.52 22.41 -31.40
N TRP A 121 28.38 21.80 -30.58
CA TRP A 121 28.27 20.34 -30.43
C TRP A 121 28.80 19.91 -29.07
N GLU A 122 28.04 19.05 -28.43
CA GLU A 122 28.40 18.43 -27.16
C GLU A 122 28.02 16.95 -27.29
N ILE A 123 29.02 16.07 -27.25
CA ILE A 123 28.78 14.68 -27.66
C ILE A 123 29.28 13.74 -26.58
N PHE A 124 28.68 12.57 -26.52
CA PHE A 124 29.14 11.56 -25.59
C PHE A 124 30.53 11.09 -26.02
N PRO A 125 31.37 10.68 -25.09
CA PRO A 125 32.61 10.06 -25.54
C PRO A 125 32.20 8.64 -25.90
N GLY A 126 32.10 8.30 -27.15
CA GLY A 126 31.70 6.96 -27.51
C GLY A 126 30.24 6.60 -27.42
N GLN A 127 29.97 5.53 -26.69
CA GLN A 127 28.62 5.01 -26.58
C GLN A 127 27.73 5.93 -25.77
N GLY A 128 28.31 6.66 -24.82
CA GLY A 128 27.52 7.39 -23.85
C GLY A 128 27.04 6.49 -22.73
N SER A 129 26.58 7.11 -21.67
CA SER A 129 26.10 6.40 -20.48
C SER A 129 24.71 6.88 -20.11
N TYR A 130 23.86 5.96 -19.62
CA TYR A 130 22.53 6.38 -19.20
C TYR A 130 22.58 7.25 -17.96
N TYR A 131 23.44 6.91 -17.00
CA TYR A 131 23.42 7.60 -15.72
C TYR A 131 24.63 8.53 -15.59
N ASN A 132 24.33 9.80 -15.28
CA ASN A 132 25.37 10.82 -15.07
C ASN A 132 26.31 10.88 -16.28
N PRO A 133 25.78 11.21 -17.46
CA PRO A 133 26.58 11.23 -18.65
C PRO A 133 27.70 12.26 -18.79
N ASP A 134 28.80 11.83 -19.40
CA ASP A 134 29.85 12.75 -19.80
C ASP A 134 29.61 13.29 -21.20
N PHE A 135 30.03 14.53 -21.43
CA PHE A 135 29.96 15.16 -22.71
C PHE A 135 31.30 15.83 -23.05
N ILE A 136 31.72 15.71 -24.29
CA ILE A 136 32.93 16.32 -24.79
C ILE A 136 32.55 17.51 -25.67
N SER A 137 33.23 18.62 -25.49
CA SER A 137 33.01 19.81 -26.30
C SER A 137 34.35 20.53 -26.44
N LEU A 138 34.37 21.56 -27.29
CA LEU A 138 35.54 22.39 -27.43
C LEU A 138 35.37 23.69 -26.65
N LYS A 139 36.49 24.23 -26.22
CA LYS A 139 36.52 25.55 -25.64
C LYS A 139 36.80 26.54 -26.76
N PRO A 140 36.68 27.83 -26.50
CA PRO A 140 36.92 28.86 -27.53
C PRO A 140 38.25 28.79 -28.20
N ASP A 141 39.24 28.29 -27.46
CA ASP A 141 40.57 28.08 -27.99
C ASP A 141 40.74 26.85 -28.85
N GLY A 142 39.71 26.02 -28.96
CA GLY A 142 39.70 24.89 -29.84
C GLY A 142 40.10 23.63 -29.18
N LYS A 143 40.30 23.67 -27.89
CA LYS A 143 40.74 22.52 -27.17
C LYS A 143 39.61 21.76 -26.49
N ARG A 144 39.69 20.44 -26.53
CA ARG A 144 38.68 19.56 -26.00
C ARG A 144 38.58 19.60 -24.46
N GLN A 145 37.37 19.43 -23.96
CA GLN A 145 37.09 19.28 -22.56
C GLN A 145 36.01 18.20 -22.39
N THR A 146 35.96 17.60 -21.21
CA THR A 146 34.97 16.57 -20.86
C THR A 146 34.33 16.96 -19.55
N LYS A 147 33.01 17.09 -19.54
CA LYS A 147 32.29 17.42 -18.32
C LYS A 147 31.21 16.40 -18.08
N ARG A 148 30.96 16.09 -16.81
CA ARG A 148 29.89 15.20 -16.41
C ARG A 148 28.69 16.02 -16.00
N PHE A 149 27.51 15.62 -16.47
CA PHE A 149 26.26 16.29 -16.12
C PHE A 149 25.36 15.35 -15.34
N PRO A 150 25.09 15.63 -14.07
CA PRO A 150 24.23 14.73 -13.28
C PRO A 150 22.85 14.67 -13.88
N GLY A 151 22.27 13.48 -13.87
CA GLY A 151 20.96 13.25 -14.41
C GLY A 151 20.94 12.00 -15.26
N TYR A 152 19.84 11.81 -15.96
CA TYR A 152 19.62 10.64 -16.80
C TYR A 152 19.75 11.07 -18.24
N ALA A 153 20.52 10.30 -19.04
CA ALA A 153 20.98 10.80 -20.33
C ALA A 153 19.82 11.26 -21.22
N THR A 154 18.72 10.52 -21.24
CA THR A 154 17.63 10.89 -22.14
C THR A 154 17.09 12.27 -21.74
N ASP A 155 16.99 12.51 -20.43
CA ASP A 155 16.54 13.82 -19.93
C ASP A 155 17.56 14.89 -20.20
N VAL A 156 18.84 14.58 -19.97
CA VAL A 156 19.90 15.60 -20.08
C VAL A 156 20.07 16.05 -21.51
N VAL A 157 20.06 15.11 -22.46
CA VAL A 157 20.16 15.53 -23.85
C VAL A 157 18.99 16.43 -24.23
N THR A 158 17.80 16.12 -23.73
CA THR A 158 16.63 16.96 -24.00
C THR A 158 16.80 18.36 -23.37
N ASP A 159 17.27 18.40 -22.12
CA ASP A 159 17.52 19.68 -21.44
C ASP A 159 18.45 20.56 -22.24
N LYS A 160 19.60 20.03 -22.63
CA LYS A 160 20.58 20.81 -23.38
C LYS A 160 20.02 21.25 -24.72
N SER A 161 19.23 20.40 -25.36
CA SER A 161 18.66 20.75 -26.67
C SER A 161 17.68 21.91 -26.54
N ILE A 162 16.80 21.85 -25.55
CA ILE A 162 15.81 22.91 -25.42
C ILE A 162 16.49 24.21 -24.98
N GLN A 163 17.49 24.12 -24.11
CA GLN A 163 18.24 25.31 -23.73
C GLN A 163 18.90 25.96 -24.94
N TRP A 164 19.51 25.16 -25.82
CA TRP A 164 20.14 25.70 -27.02
C TRP A 164 19.12 26.36 -27.92
N LEU A 165 17.96 25.73 -28.09
CA LEU A 165 16.91 26.34 -28.92
C LEU A 165 16.51 27.70 -28.37
N GLY A 166 16.39 27.82 -27.05
CA GLY A 166 16.00 29.10 -26.48
C GLY A 166 17.04 30.17 -26.66
N ASN A 167 18.30 29.80 -26.80
CA ASN A 167 19.38 30.75 -26.97
C ASN A 167 19.85 30.94 -28.40
N ARG A 168 19.11 30.39 -29.34
CA ARG A 168 19.53 30.46 -30.72
C ARG A 168 19.37 31.87 -31.30
N ASP A 169 20.04 32.11 -32.42
CA ASP A 169 19.76 33.28 -33.26
C ASP A 169 18.45 33.02 -33.99
N LYS A 170 17.34 33.57 -33.48
CA LYS A 170 16.04 33.22 -34.06
C LYS A 170 15.83 33.75 -35.47
N ASN A 171 16.74 34.60 -35.98
CA ASN A 171 16.69 35.02 -37.37
C ASN A 171 17.29 34.04 -38.34
N LYS A 172 18.03 33.03 -37.85
CA LYS A 172 18.53 31.95 -38.68
C LYS A 172 17.67 30.70 -38.49
N PRO A 173 17.34 29.97 -39.53
CA PRO A 173 16.70 28.67 -39.31
C PRO A 173 17.71 27.76 -38.63
N PHE A 174 17.21 26.87 -37.78
CA PHE A 174 18.14 25.97 -37.06
C PHE A 174 18.09 24.57 -37.64
N LEU A 175 19.22 23.89 -37.49
CA LEU A 175 19.31 22.43 -37.58
C LEU A 175 19.72 21.95 -36.20
N LEU A 176 18.91 21.09 -35.60
CA LEU A 176 19.23 20.55 -34.29
C LEU A 176 19.18 19.04 -34.38
N VAL A 177 20.29 18.38 -34.10
CA VAL A 177 20.34 16.91 -34.04
C VAL A 177 20.36 16.50 -32.57
N VAL A 178 19.32 15.80 -32.16
CA VAL A 178 19.15 15.33 -30.77
C VAL A 178 19.51 13.85 -30.82
N GLY A 179 20.74 13.51 -30.41
CA GLY A 179 21.22 12.13 -30.52
C GLY A 179 21.13 11.36 -29.22
N HIS A 180 20.04 10.61 -29.05
CA HIS A 180 19.81 9.87 -27.82
C HIS A 180 20.67 8.61 -27.74
N LYS A 181 21.09 8.25 -26.51
CA LYS A 181 21.67 6.93 -26.28
C LYS A 181 20.62 5.83 -26.35
N ALA A 182 19.43 6.11 -25.84
CA ALA A 182 18.38 5.11 -25.76
C ALA A 182 17.82 4.79 -27.14
N PRO A 183 17.29 3.57 -27.34
CA PRO A 183 17.39 2.45 -26.40
C PRO A 183 18.55 1.49 -26.63
N HIS A 184 19.78 1.98 -26.58
CA HIS A 184 20.95 1.12 -26.76
C HIS A 184 21.22 0.28 -25.50
N ARG A 185 21.87 -0.86 -25.70
CA ARG A 185 22.39 -1.65 -24.56
C ARG A 185 23.18 -0.73 -23.63
N ALA A 186 23.07 -0.92 -22.31
CA ALA A 186 22.42 -2.07 -21.63
C ALA A 186 20.99 -1.81 -21.17
N TRP A 187 20.28 -0.86 -21.79
CA TRP A 187 18.85 -0.68 -21.58
C TRP A 187 18.54 -0.40 -20.10
N CYS A 188 19.04 0.75 -19.60
CA CYS A 188 18.78 1.11 -18.20
C CYS A 188 17.69 2.17 -18.12
N PRO A 189 16.49 1.85 -17.66
CA PRO A 189 15.44 2.87 -17.59
C PRO A 189 15.78 3.95 -16.57
N ALA A 190 15.11 5.09 -16.72
CA ALA A 190 15.15 6.12 -15.67
C ALA A 190 14.51 5.58 -14.39
N LEU A 191 15.02 6.05 -13.24
CA LEU A 191 14.52 5.52 -11.97
C LEU A 191 13.02 5.67 -11.86
N ARG A 192 12.47 6.78 -12.36
CA ARG A 192 11.03 7.00 -12.28
C ARG A 192 10.21 6.00 -13.08
N HIS A 193 10.82 5.23 -13.97
CA HIS A 193 10.10 4.31 -14.81
C HIS A 193 10.28 2.86 -14.39
N LEU A 194 11.10 2.60 -13.36
CA LEU A 194 11.23 1.24 -12.87
C LEU A 194 9.89 0.75 -12.35
N GLY A 195 9.43 -0.39 -12.86
CA GLY A 195 8.15 -0.93 -12.45
C GLY A 195 6.97 -0.46 -13.27
N LYS A 196 7.18 0.45 -14.23
CA LYS A 196 6.09 0.96 -15.04
C LYS A 196 5.77 0.06 -16.22
N VAL A 197 6.60 -0.92 -16.52
CA VAL A 197 6.36 -1.84 -17.64
C VAL A 197 6.17 -3.24 -17.07
N ASP A 198 5.00 -3.80 -17.31
CA ASP A 198 4.68 -5.16 -16.92
C ASP A 198 4.58 -6.00 -18.19
N THR A 199 5.46 -6.97 -18.33
CA THR A 199 5.49 -7.75 -19.51
C THR A 199 4.87 -9.12 -19.33
N SER A 200 4.21 -9.34 -18.21
CA SER A 200 3.64 -10.65 -17.93
C SER A 200 2.57 -11.06 -18.92
N SER A 201 1.97 -10.13 -19.60
CA SER A 201 0.97 -10.47 -20.57
C SER A 201 1.49 -10.66 -21.98
N MET A 202 2.76 -10.35 -22.18
CA MET A 202 3.37 -10.41 -23.48
C MET A 202 3.89 -11.78 -23.77
N THR A 203 3.99 -12.08 -25.04
CA THR A 203 4.42 -13.37 -25.53
C THR A 203 5.58 -13.18 -26.51
N PRO A 204 6.62 -13.98 -26.42
CA PRO A 204 7.73 -13.84 -27.36
C PRO A 204 7.26 -14.08 -28.78
N PRO A 205 7.99 -13.60 -29.76
CA PRO A 205 7.62 -13.85 -31.18
C PRO A 205 7.47 -15.34 -31.46
N ALA A 206 6.65 -15.66 -32.48
CA ALA A 206 6.43 -17.07 -32.82
C ALA A 206 7.73 -17.78 -33.14
N ASN A 207 8.72 -17.08 -33.67
CA ASN A 207 10.00 -17.70 -34.01
C ASN A 207 11.09 -17.36 -32.99
N PHE A 208 10.70 -17.15 -31.72
CA PHE A 208 11.68 -16.93 -30.68
C PHE A 208 12.61 -18.11 -30.50
N HIS A 209 12.08 -19.33 -30.58
CA HIS A 209 12.92 -20.53 -30.43
C HIS A 209 13.45 -21.06 -31.76
N ASP A 210 13.83 -20.17 -32.65
CA ASP A 210 14.27 -20.52 -34.01
C ASP A 210 15.47 -21.44 -33.96
N ASP A 211 15.37 -22.61 -34.63
CA ASP A 211 16.53 -23.49 -34.79
C ASP A 211 17.32 -23.22 -36.06
N TYR A 212 16.96 -22.20 -36.84
CA TYR A 212 17.68 -21.75 -38.04
C TYR A 212 17.66 -22.78 -39.18
N ALA A 213 16.75 -23.75 -39.14
CA ALA A 213 16.57 -24.63 -40.30
C ALA A 213 16.13 -23.81 -41.50
N ASN A 214 16.61 -24.19 -42.69
CA ASN A 214 16.21 -23.55 -43.95
C ASN A 214 16.75 -22.12 -44.09
N ARG A 215 17.80 -21.84 -43.34
CA ARG A 215 18.56 -20.61 -43.44
C ARG A 215 20.06 -21.01 -43.61
N PRO A 216 20.90 -20.12 -44.15
CA PRO A 216 22.33 -20.37 -44.31
C PRO A 216 22.95 -20.85 -43.01
N GLU A 217 23.93 -21.73 -43.16
CA GLU A 217 24.61 -22.29 -42.00
C GLU A 217 25.20 -21.21 -41.10
N PHE A 218 25.64 -20.08 -41.67
CA PHE A 218 26.33 -19.10 -40.83
C PHE A 218 25.42 -18.56 -39.72
N LEU A 219 24.10 -18.55 -39.95
CA LEU A 219 23.21 -18.01 -38.93
C LEU A 219 23.34 -18.76 -37.60
N LYS A 220 23.71 -20.01 -37.63
CA LYS A 220 23.88 -20.75 -36.42
C LYS A 220 25.07 -20.28 -35.55
N LYS A 221 25.96 -19.53 -36.17
CA LYS A 221 27.13 -18.99 -35.50
C LYS A 221 26.90 -17.58 -34.95
N ASN A 222 25.67 -17.09 -35.05
CA ASN A 222 25.38 -15.71 -34.62
C ASN A 222 25.63 -15.58 -33.12
N GLN A 223 26.14 -14.43 -32.69
CA GLN A 223 26.30 -14.27 -31.24
C GLN A 223 25.44 -13.11 -30.74
N GLN A 224 24.17 -13.14 -31.15
CA GLN A 224 23.23 -12.10 -30.69
C GLN A 224 21.90 -12.77 -30.31
N THR A 225 21.97 -13.97 -29.74
CA THR A 225 20.75 -14.60 -29.25
C THR A 225 20.44 -14.16 -27.83
N VAL A 226 19.13 -14.06 -27.55
CA VAL A 226 18.68 -13.78 -26.19
C VAL A 226 19.08 -14.93 -25.27
N ALA A 227 18.98 -16.15 -25.77
CA ALA A 227 19.19 -17.33 -24.90
C ALA A 227 20.63 -17.46 -24.44
N ASN A 228 21.58 -17.13 -25.32
CA ASN A 228 22.99 -17.49 -25.04
C ASN A 228 24.00 -16.35 -25.11
N HIS A 229 23.57 -15.17 -25.51
CA HIS A 229 24.57 -14.12 -25.69
C HIS A 229 24.18 -12.84 -24.96
N MET A 230 23.50 -13.02 -23.82
CA MET A 230 23.18 -11.86 -22.97
C MET A 230 23.93 -11.97 -21.64
N ALA A 231 24.27 -10.82 -21.07
CA ALA A 231 25.01 -10.74 -19.81
C ALA A 231 24.02 -10.67 -18.67
N ILE A 232 24.00 -11.72 -17.81
CA ILE A 232 22.94 -11.83 -16.82
C ILE A 232 22.95 -10.67 -15.82
N TYR A 233 24.13 -10.21 -15.40
CA TYR A 233 24.21 -9.10 -14.43
C TYR A 233 24.12 -7.73 -15.12
N SER A 234 24.67 -7.60 -16.31
CA SER A 234 24.74 -6.28 -16.96
C SER A 234 23.52 -6.05 -17.87
N ASP A 235 23.29 -6.94 -18.83
CA ASP A 235 22.10 -6.75 -19.68
C ASP A 235 20.81 -6.92 -18.90
N LEU A 236 20.75 -7.91 -18.00
CA LEU A 236 19.48 -8.29 -17.41
C LEU A 236 19.39 -7.90 -15.94
N LYS A 237 20.39 -7.22 -15.41
CA LYS A 237 20.33 -6.45 -14.16
C LYS A 237 20.29 -7.33 -12.91
N VAL A 238 20.63 -8.61 -13.03
CA VAL A 238 20.58 -9.49 -11.86
C VAL A 238 21.63 -9.03 -10.86
N LEU A 239 21.28 -9.10 -9.56
CA LEU A 239 22.19 -8.67 -8.49
C LEU A 239 22.97 -9.89 -7.99
N LYS A 240 24.25 -9.94 -8.37
CA LYS A 240 25.07 -11.10 -8.10
C LYS A 240 25.10 -11.43 -6.61
N ASP A 241 25.20 -10.41 -5.76
CA ASP A 241 25.33 -10.75 -4.34
C ASP A 241 24.01 -11.22 -3.73
N GLN A 242 22.91 -11.26 -4.48
CA GLN A 242 21.69 -11.87 -4.02
C GLN A 242 21.44 -13.23 -4.70
N VAL A 243 22.42 -13.75 -5.41
CA VAL A 243 22.32 -15.08 -6.01
C VAL A 243 23.19 -16.02 -5.17
N PRO A 244 22.64 -17.14 -4.65
CA PRO A 244 23.49 -18.11 -3.96
C PRO A 244 24.77 -18.38 -4.77
N GLU A 245 25.91 -18.42 -4.10
CA GLU A 245 27.20 -18.58 -4.81
C GLU A 245 27.21 -19.86 -5.64
N GLU A 246 26.60 -20.93 -5.13
CA GLU A 246 26.58 -22.25 -5.83
C GLU A 246 25.78 -22.13 -7.13
N MET A 247 24.88 -21.17 -7.20
CA MET A 247 24.01 -21.05 -8.39
C MET A 247 24.62 -20.12 -9.46
N ARG A 248 25.64 -19.35 -9.14
CA ARG A 248 26.16 -18.34 -10.11
C ARG A 248 26.61 -18.98 -11.43
N LYS A 249 27.23 -20.16 -11.38
CA LYS A 249 27.74 -20.74 -12.64
C LYS A 249 26.55 -21.10 -13.53
N SER A 250 25.45 -21.54 -12.94
CA SER A 250 24.37 -21.97 -13.82
C SER A 250 23.60 -20.83 -14.47
N ILE A 251 23.82 -19.58 -14.07
CA ILE A 251 23.04 -18.47 -14.63
C ILE A 251 23.85 -17.58 -15.55
N VAL A 252 25.15 -17.83 -15.71
CA VAL A 252 26.04 -16.99 -16.52
C VAL A 252 26.43 -17.76 -17.78
N SER A 253 26.18 -17.18 -18.95
CA SER A 253 26.73 -17.77 -20.15
C SER A 253 28.23 -17.53 -20.16
N PRO A 254 29.01 -18.47 -20.69
CA PRO A 254 30.48 -18.35 -20.56
C PRO A 254 30.99 -17.04 -21.14
N GLY A 255 31.72 -16.29 -20.32
CA GLY A 255 32.25 -15.01 -20.71
C GLY A 255 31.28 -13.85 -20.62
N TYR A 256 30.05 -14.08 -20.18
CA TYR A 256 29.02 -13.02 -20.16
C TYR A 256 28.72 -12.56 -18.74
N GLY A 257 29.68 -12.69 -17.81
CA GLY A 257 29.39 -12.34 -16.43
C GLY A 257 29.86 -10.97 -15.98
N TRP A 258 30.03 -10.02 -16.90
CA TRP A 258 30.55 -8.70 -16.53
C TRP A 258 29.55 -7.89 -15.73
N ASP A 259 30.08 -6.94 -14.95
CA ASP A 259 29.28 -6.05 -14.11
C ASP A 259 28.48 -5.06 -14.96
N LEU A 260 27.39 -4.58 -14.39
CA LEU A 260 26.67 -3.44 -14.97
C LEU A 260 27.47 -2.17 -14.68
N GLY A 261 28.12 -1.64 -15.72
CA GLY A 261 28.99 -0.48 -15.51
C GLY A 261 28.24 0.77 -15.08
N GLU A 262 26.98 0.90 -15.47
CA GLU A 262 26.20 2.07 -15.06
C GLU A 262 26.18 2.24 -13.54
N LEU A 263 26.19 1.13 -12.79
CA LEU A 263 26.06 1.24 -11.34
C LEU A 263 27.20 2.05 -10.75
N ASN A 264 28.38 1.98 -11.34
CA ASN A 264 29.53 2.71 -10.82
C ASN A 264 29.40 4.22 -11.03
N ARG A 265 28.54 4.63 -11.96
CA ARG A 265 28.30 6.05 -12.22
C ARG A 265 27.28 6.65 -11.27
N MET A 266 26.48 5.86 -10.64
CA MET A 266 25.44 6.40 -9.85
C MET A 266 25.81 6.90 -8.45
N THR A 267 25.03 7.83 -7.95
CA THR A 267 25.18 8.18 -6.55
C THR A 267 24.73 7.00 -5.70
N PRO A 268 25.11 6.96 -4.42
CA PRO A 268 24.59 5.87 -3.58
C PRO A 268 23.07 5.86 -3.52
N GLU A 269 22.44 7.04 -3.55
CA GLU A 269 20.99 7.07 -3.50
C GLU A 269 20.39 6.50 -4.78
N GLU A 270 21.01 6.80 -5.89
CA GLU A 270 20.55 6.27 -7.14
C GLU A 270 20.70 4.75 -7.15
N LYS A 271 21.88 4.28 -6.81
CA LYS A 271 22.14 2.84 -6.80
C LYS A 271 21.16 2.12 -5.91
N LYS A 272 20.81 2.71 -4.76
CA LYS A 272 19.90 2.06 -3.84
C LYS A 272 18.50 1.93 -4.43
N THR A 273 17.97 3.00 -5.02
CA THR A 273 16.68 2.89 -5.69
C THR A 273 16.72 1.77 -6.76
N TRP A 274 17.80 1.74 -7.54
CA TRP A 274 17.97 0.74 -8.60
C TRP A 274 18.00 -0.68 -8.01
N THR A 275 18.90 -0.93 -7.05
CA THR A 275 19.02 -2.30 -6.55
C THR A 275 17.82 -2.70 -5.72
N ASP A 276 17.14 -1.75 -5.06
CA ASP A 276 15.88 -2.05 -4.42
C ASP A 276 14.89 -2.64 -5.41
N TYR A 277 14.80 -2.05 -6.61
CA TYR A 277 13.83 -2.57 -7.57
C TYR A 277 14.26 -3.92 -8.11
N TYR A 278 15.52 -4.04 -8.53
CA TYR A 278 16.01 -5.26 -9.23
C TYR A 278 16.17 -6.47 -8.31
N ALA A 279 16.06 -6.26 -7.00
CA ALA A 279 15.97 -7.41 -6.11
C ALA A 279 14.82 -8.32 -6.52
N LYS A 280 13.73 -7.74 -7.05
CA LYS A 280 12.58 -8.57 -7.40
C LYS A 280 12.90 -9.50 -8.56
N ARG A 281 13.49 -8.96 -9.62
CA ARG A 281 13.88 -9.82 -10.74
C ARG A 281 14.89 -10.86 -10.30
N THR A 282 15.85 -10.47 -9.46
CA THR A 282 16.85 -11.43 -9.01
C THR A 282 16.21 -12.57 -8.22
N LYS A 283 15.26 -12.25 -7.35
CA LYS A 283 14.58 -13.31 -6.59
C LYS A 283 13.79 -14.21 -7.52
N SER A 284 13.20 -13.64 -8.57
CA SER A 284 12.52 -14.45 -9.58
C SER A 284 13.46 -15.44 -10.22
N LEU A 285 14.68 -15.01 -10.58
CA LEU A 285 15.65 -15.94 -11.14
C LEU A 285 16.01 -17.03 -10.15
N VAL A 286 16.30 -16.64 -8.92
CA VAL A 286 16.76 -17.60 -7.91
C VAL A 286 15.66 -18.61 -7.61
N ASP A 287 14.43 -18.12 -7.43
CA ASP A 287 13.29 -19.02 -7.19
C ASP A 287 13.04 -19.93 -8.38
N GLY A 288 13.21 -19.42 -9.60
CA GLY A 288 12.98 -20.25 -10.76
C GLY A 288 14.05 -21.30 -10.96
N MET A 289 15.27 -21.01 -10.54
CA MET A 289 16.31 -22.03 -10.57
C MET A 289 16.07 -23.07 -9.48
N LYS A 290 15.69 -22.62 -8.27
CA LYS A 290 15.47 -23.55 -7.15
C LYS A 290 14.29 -24.48 -7.43
N SER A 291 13.24 -23.98 -8.08
CA SER A 291 12.12 -24.84 -8.44
C SER A 291 12.45 -25.78 -9.59
N GLY A 292 13.55 -25.56 -10.30
CA GLY A 292 13.90 -26.37 -11.48
C GLY A 292 13.27 -25.86 -12.77
N LYS A 293 12.36 -24.90 -12.67
CA LYS A 293 11.65 -24.42 -13.88
C LYS A 293 12.62 -23.83 -14.89
N LEU A 294 13.55 -22.98 -14.42
CA LEU A 294 14.48 -22.29 -15.35
C LEU A 294 15.66 -23.18 -15.72
N LYS A 295 15.67 -24.41 -15.21
CA LYS A 295 16.68 -25.37 -15.64
C LYS A 295 16.35 -25.93 -17.02
N ASP A 296 15.12 -25.72 -17.49
CA ASP A 296 14.76 -25.93 -18.88
C ASP A 296 15.31 -24.76 -19.71
N PRO A 297 16.27 -24.98 -20.60
CA PRO A 297 16.90 -23.86 -21.30
C PRO A 297 15.89 -22.97 -22.04
N LYS A 298 14.84 -23.55 -22.59
CA LYS A 298 13.87 -22.72 -23.31
C LYS A 298 13.08 -21.84 -22.36
N ALA A 299 12.79 -22.35 -21.15
CA ALA A 299 12.14 -21.51 -20.14
C ALA A 299 13.05 -20.38 -19.66
N PHE A 300 14.34 -20.69 -19.43
CA PHE A 300 15.28 -19.63 -19.06
C PHE A 300 15.35 -18.59 -20.17
N ALA A 301 15.36 -19.04 -21.45
CA ALA A 301 15.39 -18.10 -22.56
C ALA A 301 14.18 -17.17 -22.53
N GLU A 302 12.98 -17.69 -22.25
CA GLU A 302 11.82 -16.83 -22.22
C GLU A 302 11.88 -15.89 -21.04
N TRP A 303 12.41 -16.36 -19.91
CA TRP A 303 12.59 -15.49 -18.75
C TRP A 303 13.52 -14.33 -19.11
N LYS A 304 14.58 -14.62 -19.85
CA LYS A 304 15.51 -13.56 -20.27
C LYS A 304 14.83 -12.57 -21.20
N TRP A 305 13.98 -13.07 -22.11
CA TRP A 305 13.22 -12.18 -22.99
C TRP A 305 12.32 -11.22 -22.21
N HIS A 306 11.62 -11.71 -21.17
CA HIS A 306 10.76 -10.81 -20.41
C HIS A 306 11.57 -9.73 -19.67
N ALA A 307 12.75 -10.08 -19.16
CA ALA A 307 13.60 -9.07 -18.53
C ALA A 307 14.10 -8.05 -19.57
N TYR A 308 14.55 -8.55 -20.72
CA TYR A 308 15.03 -7.66 -21.80
C TYR A 308 13.90 -6.73 -22.24
N MET A 309 12.72 -7.30 -22.49
CA MET A 309 11.62 -6.45 -22.96
C MET A 309 11.24 -5.40 -21.91
N GLU A 310 11.16 -5.79 -20.64
CA GLU A 310 10.79 -4.82 -19.61
C GLU A 310 11.74 -3.62 -19.63
N ASP A 311 13.04 -3.89 -19.65
CA ASP A 311 14.01 -2.79 -19.56
C ASP A 311 14.06 -1.98 -20.85
N TYR A 312 14.02 -2.66 -21.99
CA TYR A 312 14.03 -1.97 -23.27
C TYR A 312 12.84 -1.03 -23.38
N LEU A 313 11.65 -1.54 -23.13
CA LEU A 313 10.45 -0.68 -23.21
C LEU A 313 10.48 0.41 -22.16
N GLY A 314 11.02 0.10 -20.96
CA GLY A 314 11.16 1.12 -19.95
C GLY A 314 11.99 2.30 -20.44
N CYS A 315 13.07 2.02 -21.19
CA CYS A 315 13.86 3.11 -21.74
C CYS A 315 13.04 3.98 -22.69
N LEU A 316 12.12 3.37 -23.44
CA LEU A 316 11.33 4.15 -24.39
C LEU A 316 10.42 5.14 -23.68
N LEU A 317 10.03 4.87 -22.44
CA LEU A 317 9.14 5.79 -21.77
C LEU A 317 9.79 7.16 -21.62
N SER A 318 11.10 7.20 -21.38
CA SER A 318 11.72 8.52 -21.26
C SER A 318 12.06 9.11 -22.62
N VAL A 319 12.24 8.28 -23.66
CA VAL A 319 12.31 8.85 -25.00
C VAL A 319 10.97 9.50 -25.37
N ASP A 320 9.87 8.89 -24.98
CA ASP A 320 8.57 9.51 -25.22
C ASP A 320 8.46 10.85 -24.48
N ASP A 321 8.96 10.93 -23.26
CA ASP A 321 9.00 12.20 -22.53
C ASP A 321 9.80 13.24 -23.31
N SER A 322 10.92 12.83 -23.89
CA SER A 322 11.75 13.74 -24.67
C SER A 322 11.00 14.28 -25.88
N ILE A 323 10.33 13.39 -26.65
CA ILE A 323 9.55 13.84 -27.79
C ILE A 323 8.52 14.88 -27.32
N GLY A 324 7.86 14.60 -26.19
CA GLY A 324 6.83 15.52 -25.70
C GLY A 324 7.40 16.88 -25.37
N ARG A 325 8.52 16.92 -24.68
CA ARG A 325 9.11 18.22 -24.32
C ARG A 325 9.57 18.99 -25.55
N LEU A 326 10.19 18.31 -26.52
CA LEU A 326 10.63 18.99 -27.74
C LEU A 326 9.43 19.51 -28.55
N MET A 327 8.37 18.72 -28.66
CA MET A 327 7.22 19.20 -29.41
C MET A 327 6.47 20.29 -28.65
N GLU A 328 6.43 20.21 -27.32
CA GLU A 328 5.86 21.32 -26.54
C GLU A 328 6.64 22.60 -26.78
N TYR A 329 7.96 22.52 -26.86
CA TYR A 329 8.76 23.71 -27.15
C TYR A 329 8.37 24.32 -28.48
N LEU A 330 8.34 23.51 -29.55
CA LEU A 330 7.98 24.05 -30.85
C LEU A 330 6.59 24.67 -30.81
N ASP A 331 5.66 24.04 -30.09
CA ASP A 331 4.29 24.56 -30.04
C ASP A 331 4.28 25.93 -29.39
N LYS A 332 4.87 26.04 -28.22
CA LYS A 332 4.81 27.31 -27.45
C LYS A 332 5.60 28.42 -28.13
N GLU A 333 6.63 28.07 -28.88
CA GLU A 333 7.50 29.08 -29.52
C GLU A 333 6.86 29.59 -30.81
N GLY A 334 5.79 28.95 -31.26
CA GLY A 334 5.12 29.43 -32.44
C GLY A 334 5.76 29.04 -33.76
N ILE A 335 6.61 28.00 -33.76
CA ILE A 335 7.37 27.68 -34.96
C ILE A 335 7.08 26.26 -35.47
N ALA A 336 6.01 25.62 -35.00
CA ALA A 336 5.72 24.26 -35.46
C ALA A 336 5.45 24.20 -36.95
N LYS A 337 4.80 25.23 -37.51
CA LYS A 337 4.46 25.16 -38.93
C LYS A 337 5.68 25.34 -39.81
N ASP A 338 6.75 25.93 -39.30
CA ASP A 338 7.95 26.18 -40.08
C ASP A 338 9.12 25.30 -39.63
N THR A 339 8.80 24.13 -39.09
CA THR A 339 9.82 23.19 -38.66
C THR A 339 9.50 21.82 -39.27
N LEU A 340 10.48 21.23 -39.92
CA LEU A 340 10.39 19.85 -40.37
C LEU A 340 10.98 19.00 -39.24
N VAL A 341 10.14 18.19 -38.62
CA VAL A 341 10.56 17.27 -37.54
C VAL A 341 10.80 15.92 -38.19
N ILE A 342 12.01 15.37 -37.97
CA ILE A 342 12.32 14.02 -38.45
C ILE A 342 12.71 13.19 -37.23
N TYR A 343 12.02 12.06 -37.05
CA TYR A 343 12.40 11.10 -36.03
C TYR A 343 12.88 9.84 -36.72
N CYS A 344 14.01 9.32 -36.28
CA CYS A 344 14.37 7.96 -36.73
C CYS A 344 15.16 7.29 -35.64
N GLY A 345 15.24 5.95 -35.74
CA GLY A 345 16.24 5.19 -35.00
C GLY A 345 17.36 4.90 -35.98
N ASP A 346 18.59 4.92 -35.51
CA ASP A 346 19.75 4.59 -36.38
C ASP A 346 19.47 3.31 -37.18
N GLN A 347 19.00 2.29 -36.57
CA GLN A 347 18.51 1.16 -37.30
C GLN A 347 17.47 0.50 -36.40
N GLY A 348 16.82 -0.52 -36.93
CA GLY A 348 15.91 -1.34 -36.17
C GLY A 348 16.63 -2.33 -35.24
N PHE A 349 15.88 -3.25 -34.69
CA PHE A 349 16.45 -4.12 -33.71
C PHE A 349 15.59 -5.37 -33.59
N TYR A 350 16.18 -6.48 -33.23
CA TYR A 350 15.39 -7.66 -33.00
C TYR A 350 14.82 -7.63 -31.58
N MET A 351 13.52 -7.76 -31.47
CA MET A 351 12.86 -7.90 -30.17
C MET A 351 12.55 -9.36 -29.86
N GLY A 352 13.53 -10.25 -30.09
CA GLY A 352 13.33 -11.69 -29.91
C GLY A 352 13.00 -12.47 -31.19
N GLU A 353 12.73 -11.80 -32.30
CA GLU A 353 12.51 -12.54 -33.55
C GLU A 353 13.77 -13.32 -33.90
N HIS A 354 13.58 -14.57 -34.37
CA HIS A 354 14.69 -15.47 -34.64
C HIS A 354 15.52 -15.73 -33.38
N GLY A 355 14.96 -15.43 -32.22
CA GLY A 355 15.67 -15.61 -30.95
C GLY A 355 16.74 -14.57 -30.72
N MET A 356 16.67 -13.50 -31.50
CA MET A 356 17.78 -12.54 -31.42
C MET A 356 17.47 -11.17 -30.84
N TYR A 357 18.54 -10.48 -30.44
CA TYR A 357 18.46 -9.03 -30.11
C TYR A 357 19.47 -8.38 -31.09
N ASP A 358 19.72 -7.10 -30.93
CA ASP A 358 20.70 -6.39 -31.77
C ASP A 358 20.25 -6.17 -33.24
N LYS A 359 21.19 -6.04 -34.17
CA LYS A 359 20.81 -5.66 -35.56
C LYS A 359 21.74 -6.36 -36.59
N ARG A 360 22.36 -5.60 -37.50
CA ARG A 360 23.44 -6.14 -38.38
C ARG A 360 22.97 -6.90 -39.62
N TRP A 361 21.99 -7.77 -39.42
CA TRP A 361 21.56 -8.63 -40.54
C TRP A 361 20.64 -7.90 -41.53
N ILE A 362 20.62 -8.39 -42.77
CA ILE A 362 19.72 -7.86 -43.80
C ILE A 362 18.28 -8.32 -43.58
N PHE A 363 18.07 -9.17 -42.58
CA PHE A 363 16.73 -9.60 -42.20
C PHE A 363 15.86 -8.34 -41.91
N GLU A 364 14.56 -8.44 -42.10
CA GLU A 364 13.71 -7.24 -42.13
C GLU A 364 13.74 -6.44 -40.83
N GLU A 365 13.77 -7.11 -39.66
CA GLU A 365 13.71 -6.34 -38.42
C GLU A 365 14.87 -5.35 -38.30
N SER A 366 16.07 -5.74 -38.71
CA SER A 366 17.20 -4.82 -38.60
C SER A 366 17.53 -4.09 -39.88
N LEU A 367 17.00 -4.55 -41.03
CA LEU A 367 17.09 -3.74 -42.24
C LEU A 367 16.19 -2.52 -42.13
N ARG A 368 15.03 -2.71 -41.51
CA ARG A 368 14.12 -1.59 -41.25
C ARG A 368 14.73 -0.61 -40.26
N MET A 369 14.31 0.65 -40.38
CA MET A 369 14.60 1.63 -39.34
C MET A 369 13.35 2.48 -39.19
N PRO A 370 12.95 2.79 -37.97
CA PRO A 370 11.74 3.61 -37.78
C PRO A 370 11.99 5.02 -38.28
N LEU A 371 10.94 5.59 -38.90
CA LEU A 371 11.06 6.94 -39.49
C LEU A 371 9.68 7.61 -39.43
N ILE A 372 9.63 8.78 -38.82
CA ILE A 372 8.42 9.61 -38.76
C ILE A 372 8.82 11.03 -39.17
N MET A 373 7.97 11.69 -39.98
CA MET A 373 8.23 13.09 -40.29
C MET A 373 6.97 13.91 -40.00
N ARG A 374 7.18 15.16 -39.54
CA ARG A 374 6.08 16.10 -39.38
C ARG A 374 6.50 17.44 -39.97
N TRP A 375 5.61 18.03 -40.82
CA TRP A 375 5.85 19.36 -41.37
C TRP A 375 4.45 19.89 -41.74
N PRO A 376 3.77 20.54 -40.80
CA PRO A 376 2.33 20.80 -40.98
C PRO A 376 2.07 21.69 -42.17
N GLY A 377 1.07 21.32 -42.97
CA GLY A 377 0.79 22.01 -44.20
C GLY A 377 1.54 21.51 -45.41
N LYS A 378 2.59 20.71 -45.23
CA LYS A 378 3.34 20.10 -46.32
C LYS A 378 3.19 18.60 -46.35
N ILE A 379 3.36 17.96 -45.19
CA ILE A 379 3.29 16.50 -45.08
C ILE A 379 1.91 16.17 -44.52
N PRO A 380 1.09 15.41 -45.25
CA PRO A 380 -0.27 15.11 -44.77
C PRO A 380 -0.23 14.38 -43.44
N ALA A 381 -1.18 14.70 -42.56
CA ALA A 381 -1.18 14.21 -41.20
C ALA A 381 -1.88 12.87 -41.07
N GLY A 382 -1.31 12.00 -40.26
CA GLY A 382 -1.96 10.74 -39.92
C GLY A 382 -1.83 9.69 -40.98
N ILE A 383 -0.84 9.80 -41.86
CA ILE A 383 -0.72 8.91 -43.00
C ILE A 383 0.40 7.92 -42.74
N ARG A 384 0.20 6.69 -43.21
CA ARG A 384 1.24 5.67 -43.21
C ARG A 384 1.72 5.50 -44.64
N ASN A 385 3.01 5.64 -44.86
CA ASN A 385 3.59 5.62 -46.22
C ASN A 385 4.25 4.27 -46.45
N ASN A 386 3.93 3.63 -47.58
CA ASN A 386 4.43 2.30 -47.92
C ASN A 386 5.53 2.39 -48.97
N THR A 387 6.02 3.60 -49.22
CA THR A 387 7.08 3.84 -50.23
C THR A 387 8.46 3.40 -49.69
N MET A 388 9.26 2.78 -50.55
CA MET A 388 10.59 2.28 -50.12
C MET A 388 11.59 3.44 -50.02
N VAL A 389 12.03 3.72 -48.80
CA VAL A 389 12.95 4.83 -48.56
C VAL A 389 14.12 4.30 -47.74
N GLN A 390 15.22 5.04 -47.79
CA GLN A 390 16.45 4.54 -47.14
C GLN A 390 17.18 5.69 -46.51
N ASN A 391 18.08 5.40 -45.56
CA ASN A 391 18.77 6.47 -44.79
C ASN A 391 19.69 7.33 -45.65
N ILE A 392 20.11 6.81 -46.79
CA ILE A 392 20.94 7.61 -47.74
C ILE A 392 20.08 8.73 -48.34
N ASP A 393 18.76 8.64 -48.18
CA ASP A 393 17.82 9.65 -48.71
C ASP A 393 17.62 10.84 -47.77
N TYR A 394 18.08 10.75 -46.52
CA TYR A 394 17.72 11.83 -45.59
C TYR A 394 18.45 13.12 -45.96
N ALA A 395 19.73 13.02 -46.34
CA ALA A 395 20.49 14.22 -46.66
C ALA A 395 19.90 14.96 -47.85
N PRO A 396 19.62 14.32 -48.96
CA PRO A 396 19.00 15.11 -50.03
C PRO A 396 17.62 15.68 -49.65
N THR A 397 16.92 14.98 -48.79
CA THR A 397 15.62 15.45 -48.35
C THR A 397 15.77 16.73 -47.56
N ILE A 398 16.68 16.70 -46.61
CA ILE A 398 16.93 17.85 -45.78
C ILE A 398 17.45 19.05 -46.57
N VAL A 399 18.39 18.81 -47.44
CA VAL A 399 18.96 19.83 -48.26
C VAL A 399 17.91 20.44 -49.19
N SER A 400 17.04 19.62 -49.73
CA SER A 400 15.92 20.12 -50.54
C SER A 400 14.95 20.92 -49.70
N ALA A 401 14.57 20.41 -48.51
CA ALA A 401 13.69 21.19 -47.63
C ALA A 401 14.29 22.56 -47.31
N ALA A 402 15.62 22.62 -47.15
CA ALA A 402 16.34 23.83 -46.78
C ALA A 402 16.56 24.78 -47.94
N GLY A 403 16.19 24.39 -49.16
CA GLY A 403 16.50 25.23 -50.30
C GLY A 403 17.97 25.33 -50.62
N ALA A 404 18.77 24.37 -50.17
CA ALA A 404 20.20 24.35 -50.45
C ALA A 404 20.54 23.33 -51.53
N ASP A 405 19.55 22.91 -52.31
CA ASP A 405 19.71 21.89 -53.34
C ASP A 405 20.37 22.45 -54.61
N THR A 406 21.58 22.95 -54.44
CA THR A 406 22.41 23.34 -55.58
C THR A 406 22.88 22.10 -56.33
N PRO A 407 23.19 22.22 -57.62
CA PRO A 407 23.78 21.06 -58.33
C PRO A 407 25.02 20.52 -57.64
N GLU A 408 25.89 21.41 -57.13
CA GLU A 408 27.09 20.96 -56.44
C GLU A 408 26.73 20.08 -55.24
N ASN A 409 25.78 20.54 -54.41
CA ASN A 409 25.38 19.73 -53.25
C ASN A 409 24.69 18.44 -53.68
N MET A 410 23.68 18.54 -54.56
CA MET A 410 22.88 17.37 -54.88
C MET A 410 23.68 16.32 -55.65
N ASN A 411 24.69 16.74 -56.42
CA ASN A 411 25.50 15.78 -57.15
C ASN A 411 26.37 14.92 -56.22
N THR A 412 26.48 15.28 -54.95
CA THR A 412 27.26 14.44 -54.05
C THR A 412 26.45 13.27 -53.50
N PHE A 413 25.15 13.19 -53.74
CA PHE A 413 24.28 12.21 -53.05
C PHE A 413 23.99 11.00 -53.93
N GLN A 414 23.97 9.80 -53.30
CA GLN A 414 23.43 8.63 -53.95
C GLN A 414 21.97 8.40 -53.62
N GLY A 415 21.49 8.86 -52.48
CA GLY A 415 20.08 8.77 -52.16
C GLY A 415 19.30 9.84 -52.93
N VAL A 416 17.98 9.85 -52.71
CA VAL A 416 17.09 10.75 -53.44
C VAL A 416 16.21 11.49 -52.46
N SER A 417 15.74 12.68 -52.85
CA SER A 417 14.89 13.44 -51.93
C SER A 417 13.57 12.70 -51.70
N LEU A 418 13.16 12.62 -50.43
CA LEU A 418 11.89 12.00 -50.06
C LEU A 418 10.73 12.99 -50.09
N LEU A 419 10.98 14.27 -50.38
CA LEU A 419 9.89 15.23 -50.32
C LEU A 419 8.73 14.87 -51.25
N PRO A 420 8.95 14.33 -52.45
CA PRO A 420 7.79 13.99 -53.29
C PRO A 420 6.88 12.95 -52.66
N THR A 421 7.42 12.00 -51.91
CA THR A 421 6.56 11.01 -51.26
C THR A 421 6.14 11.45 -49.88
N ALA A 422 6.93 12.29 -49.18
CA ALA A 422 6.47 12.81 -47.92
C ALA A 422 5.30 13.78 -48.11
N PHE A 423 5.25 14.45 -49.27
CA PHE A 423 4.19 15.41 -49.53
C PHE A 423 2.90 14.77 -50.03
N THR A 424 2.95 13.53 -50.51
CA THR A 424 1.75 12.87 -51.05
C THR A 424 1.31 11.67 -50.23
N GLY A 425 2.23 11.01 -49.53
CA GLY A 425 1.95 9.73 -48.90
C GLY A 425 1.94 8.57 -49.86
N LYS A 426 2.27 8.83 -51.11
CA LYS A 426 2.23 7.82 -52.14
C LYS A 426 3.54 7.57 -52.84
N THR A 427 3.61 6.47 -53.55
CA THR A 427 4.83 6.17 -54.26
C THR A 427 4.87 6.95 -55.58
N PRO A 428 5.89 7.75 -55.84
CA PRO A 428 5.96 8.47 -57.11
C PRO A 428 6.09 7.53 -58.30
N ASP A 429 5.62 7.99 -59.48
CA ASP A 429 5.89 7.27 -60.71
C ASP A 429 7.39 7.08 -60.89
N ASN A 430 7.78 5.89 -61.30
CA ASN A 430 9.18 5.59 -61.61
C ASN A 430 10.08 5.65 -60.39
N TRP A 431 9.54 5.48 -59.19
CA TRP A 431 10.36 5.46 -57.99
C TRP A 431 11.34 4.29 -58.05
N ARG A 432 12.47 4.43 -57.37
CA ARG A 432 13.49 3.42 -57.24
C ARG A 432 12.84 2.05 -56.94
N ASP A 433 13.20 1.00 -57.64
CA ASP A 433 12.58 -0.31 -57.44
C ASP A 433 13.34 -1.19 -56.45
N ALA A 434 14.55 -0.80 -56.05
CA ALA A 434 15.39 -1.65 -55.21
C ALA A 434 16.37 -0.76 -54.46
N ILE A 435 16.73 -1.20 -53.26
CA ILE A 435 17.84 -0.58 -52.52
C ILE A 435 18.95 -1.61 -52.30
N TYR A 436 20.15 -1.08 -52.13
CA TYR A 436 21.35 -1.86 -51.84
C TYR A 436 21.63 -1.83 -50.34
N TYR A 437 22.12 -2.94 -49.81
CA TYR A 437 22.47 -3.11 -48.41
C TYR A 437 23.86 -3.76 -48.31
N CYS A 438 24.69 -3.25 -47.41
CA CYS A 438 25.98 -3.96 -47.19
C CYS A 438 26.39 -3.84 -45.73
N PHE A 439 26.88 -4.96 -45.17
CA PHE A 439 27.34 -4.98 -43.78
C PHE A 439 28.76 -5.53 -43.73
N TYR A 440 29.63 -4.90 -42.93
CA TYR A 440 31.06 -5.14 -43.05
C TYR A 440 31.72 -5.71 -41.80
N GLU A 441 31.09 -5.65 -40.63
CA GLU A 441 31.81 -5.86 -39.38
C GLU A 441 31.91 -7.36 -39.02
N ASN A 442 32.76 -8.04 -39.80
CA ASN A 442 33.18 -9.41 -39.47
C ASN A 442 34.67 -9.49 -39.82
N PRO A 443 35.51 -9.90 -38.87
CA PRO A 443 35.19 -10.27 -37.49
C PRO A 443 34.62 -9.06 -36.72
N GLY A 444 33.84 -9.31 -35.69
CA GLY A 444 33.16 -8.21 -35.01
C GLY A 444 32.29 -8.75 -33.92
N GLU A 445 31.97 -7.86 -32.98
CA GLU A 445 31.05 -8.22 -31.92
C GLU A 445 29.78 -8.78 -32.53
N HIS A 446 29.23 -9.82 -31.89
CA HIS A 446 28.00 -10.52 -32.29
C HIS A 446 28.18 -11.41 -33.52
N ASN A 447 29.33 -11.33 -34.21
CA ASN A 447 29.69 -12.27 -35.27
C ASN A 447 28.65 -12.33 -36.38
N ALA A 448 28.15 -11.16 -36.75
CA ALA A 448 27.33 -11.14 -37.97
C ALA A 448 28.29 -11.21 -39.15
N PRO A 449 27.89 -11.85 -40.25
CA PRO A 449 28.76 -12.00 -41.38
C PRO A 449 28.83 -10.79 -42.30
N ARG A 450 29.94 -10.68 -43.03
CA ARG A 450 29.99 -9.64 -44.06
C ARG A 450 29.02 -10.14 -45.13
N HIS A 451 28.04 -9.31 -45.42
CA HIS A 451 27.04 -9.76 -46.43
C HIS A 451 26.42 -8.54 -47.10
N ASP A 452 26.00 -8.66 -48.37
CA ASP A 452 25.31 -7.56 -49.02
C ASP A 452 24.13 -8.12 -49.81
N GLY A 453 23.38 -7.24 -50.46
CA GLY A 453 22.19 -7.74 -51.12
C GLY A 453 21.30 -6.59 -51.51
N ILE A 454 20.10 -6.96 -51.96
CA ILE A 454 19.12 -5.93 -52.35
C ILE A 454 17.79 -6.26 -51.72
N ARG A 455 16.97 -5.21 -51.56
CA ARG A 455 15.59 -5.35 -51.13
C ARG A 455 14.75 -4.75 -52.26
N THR A 456 13.82 -5.55 -52.81
CA THR A 456 12.85 -5.01 -53.75
C THR A 456 11.52 -4.92 -53.00
N ASP A 457 10.42 -4.66 -53.74
CA ASP A 457 9.15 -4.61 -53.04
C ASP A 457 8.85 -5.92 -52.37
N ARG A 458 9.06 -7.03 -53.08
CA ARG A 458 8.66 -8.34 -52.60
C ARG A 458 9.81 -9.19 -52.04
N TYR A 459 11.06 -8.95 -52.43
CA TYR A 459 12.12 -9.90 -52.12
C TYR A 459 13.29 -9.28 -51.37
N THR A 460 13.96 -10.15 -50.60
CA THR A 460 15.28 -9.85 -50.04
C THR A 460 16.25 -10.88 -50.61
N LEU A 461 17.27 -10.41 -51.32
CA LEU A 461 18.30 -11.27 -51.87
C LEU A 461 19.64 -10.88 -51.24
N SER A 462 20.41 -11.88 -50.78
CA SER A 462 21.67 -11.52 -50.13
C SER A 462 22.74 -12.57 -50.44
N TYR A 463 23.97 -12.10 -50.63
CA TYR A 463 25.12 -13.03 -50.64
C TYR A 463 25.91 -12.82 -49.36
N ILE A 464 26.09 -13.91 -48.62
CA ILE A 464 26.90 -13.90 -47.41
C ILE A 464 28.34 -14.20 -47.81
N TRP A 465 29.17 -13.18 -47.76
CA TRP A 465 30.56 -13.32 -48.21
C TRP A 465 31.35 -14.18 -47.25
N THR A 466 31.11 -14.02 -45.95
CA THR A 466 31.91 -14.75 -44.97
C THR A 466 31.77 -16.25 -45.12
N SER A 467 30.57 -16.75 -45.41
CA SER A 467 30.33 -18.18 -45.50
C SER A 467 30.15 -18.68 -46.90
N ASP A 468 30.16 -17.82 -47.90
CA ASP A 468 29.89 -18.17 -49.30
C ASP A 468 28.53 -18.85 -49.46
N GLU A 469 27.50 -18.11 -49.03
CA GLU A 469 26.13 -18.63 -49.08
C GLU A 469 25.15 -17.57 -49.59
N TRP A 470 24.29 -17.97 -50.53
CA TRP A 470 23.23 -17.08 -51.03
C TRP A 470 21.92 -17.32 -50.29
N MET A 471 21.12 -16.27 -50.15
CA MET A 471 19.79 -16.44 -49.55
C MET A 471 18.77 -15.52 -50.24
N LEU A 472 17.55 -16.02 -50.33
CA LEU A 472 16.46 -15.28 -50.94
C LEU A 472 15.22 -15.53 -50.12
N PHE A 473 14.50 -14.46 -49.77
CA PHE A 473 13.22 -14.60 -49.08
C PHE A 473 12.13 -13.94 -49.90
N ASP A 474 10.99 -14.65 -49.98
CA ASP A 474 9.78 -14.15 -50.65
C ASP A 474 8.92 -13.55 -49.55
N MET A 475 8.91 -12.22 -49.45
CA MET A 475 8.26 -11.56 -48.33
C MET A 475 6.74 -11.54 -48.47
N LYS A 476 6.23 -11.85 -49.65
CA LYS A 476 4.80 -12.05 -49.80
C LYS A 476 4.35 -13.32 -49.09
N LYS A 477 5.11 -14.40 -49.23
CA LYS A 477 4.71 -15.70 -48.68
C LYS A 477 5.39 -16.03 -47.37
N ASP A 478 6.47 -15.34 -47.01
CA ASP A 478 7.33 -15.71 -45.89
C ASP A 478 7.87 -14.44 -45.22
N PRO A 479 7.00 -13.53 -44.75
CA PRO A 479 7.49 -12.27 -44.18
C PRO A 479 8.35 -12.45 -42.95
N MET A 480 8.21 -13.56 -42.22
CA MET A 480 9.06 -13.85 -41.07
C MET A 480 10.42 -14.41 -41.49
N GLN A 481 10.66 -14.60 -42.78
CA GLN A 481 12.00 -15.01 -43.29
C GLN A 481 12.50 -16.31 -42.66
N MET A 482 11.70 -17.37 -42.79
CA MET A 482 12.06 -18.66 -42.19
C MET A 482 12.44 -19.68 -43.28
N LYS A 483 12.35 -19.31 -44.56
CA LYS A 483 12.56 -20.29 -45.65
C LYS A 483 13.40 -19.67 -46.75
N ASN A 484 14.68 -20.05 -46.82
CA ASN A 484 15.52 -19.62 -47.92
C ASN A 484 15.08 -20.34 -49.19
N VAL A 485 14.65 -19.57 -50.19
CA VAL A 485 14.17 -20.17 -51.44
C VAL A 485 15.15 -20.00 -52.59
N ILE A 486 16.44 -19.69 -52.30
CA ILE A 486 17.40 -19.45 -53.38
C ILE A 486 17.48 -20.65 -54.33
N ASP A 487 17.32 -21.87 -53.83
CA ASP A 487 17.51 -23.08 -54.65
C ASP A 487 16.19 -23.74 -55.00
N ASP A 488 15.08 -23.10 -54.73
CA ASP A 488 13.75 -23.65 -55.07
C ASP A 488 13.48 -23.39 -56.55
N PRO A 489 13.12 -24.43 -57.35
CA PRO A 489 12.89 -24.18 -58.78
C PRO A 489 11.80 -23.17 -59.06
N ALA A 490 10.85 -22.97 -58.16
CA ALA A 490 9.83 -21.95 -58.39
C ALA A 490 10.42 -20.57 -58.55
N TYR A 491 11.64 -20.36 -58.03
CA TYR A 491 12.27 -19.06 -58.00
C TYR A 491 13.49 -18.97 -58.92
N LYS A 492 13.69 -19.96 -59.79
CA LYS A 492 14.88 -19.99 -60.64
C LYS A 492 15.00 -18.71 -61.48
N THR A 493 13.90 -18.27 -62.11
CA THR A 493 13.98 -17.07 -62.93
C THR A 493 14.02 -15.82 -62.05
N THR A 494 13.28 -15.81 -60.94
CA THR A 494 13.40 -14.73 -59.97
C THR A 494 14.86 -14.55 -59.53
N VAL A 495 15.53 -15.61 -59.22
CA VAL A 495 16.91 -15.50 -58.79
C VAL A 495 17.79 -14.91 -59.88
N GLU A 496 17.56 -15.37 -61.09
CA GLU A 496 18.32 -14.86 -62.19
C GLU A 496 18.09 -13.34 -62.36
N GLN A 497 16.87 -12.89 -62.24
CA GLN A 497 16.59 -11.50 -62.42
C GLN A 497 17.09 -10.63 -61.27
N LEU A 498 16.95 -11.14 -60.08
CA LEU A 498 17.39 -10.40 -58.92
C LEU A 498 18.93 -10.35 -58.86
N LYS A 499 19.62 -11.43 -59.18
CA LYS A 499 21.09 -11.36 -59.21
C LYS A 499 21.53 -10.34 -60.23
N LYS A 500 20.84 -10.31 -61.39
CA LYS A 500 21.14 -9.27 -62.37
C LYS A 500 20.96 -7.89 -61.78
N ARG A 501 19.85 -7.67 -61.04
CA ARG A 501 19.58 -6.37 -60.45
C ARG A 501 20.60 -6.03 -59.37
N TYR A 502 21.01 -7.04 -58.61
CA TYR A 502 22.04 -6.86 -57.58
C TYR A 502 23.35 -6.38 -58.17
N HIS A 503 23.82 -7.03 -59.24
CA HIS A 503 25.05 -6.54 -59.87
C HIS A 503 24.87 -5.18 -60.49
N GLU A 504 23.68 -4.89 -61.03
CA GLU A 504 23.42 -3.55 -61.56
C GLU A 504 23.53 -2.49 -60.48
N LEU A 505 22.99 -2.77 -59.28
CA LEU A 505 23.05 -1.75 -58.22
C LEU A 505 24.46 -1.59 -57.69
N ARG A 506 25.21 -2.70 -57.57
CA ARG A 506 26.60 -2.59 -57.15
C ARG A 506 27.37 -1.72 -58.16
N LYS A 507 27.03 -1.84 -59.44
CA LYS A 507 27.72 -1.01 -60.42
C LYS A 507 27.25 0.44 -60.34
N THR A 508 25.94 0.65 -60.23
CA THR A 508 25.40 2.02 -60.14
C THR A 508 25.96 2.76 -58.93
N TYR A 509 26.07 2.09 -57.80
CA TYR A 509 26.52 2.74 -56.58
C TYR A 509 28.03 2.65 -56.41
N LYS A 510 28.74 2.15 -57.42
CA LYS A 510 30.19 2.14 -57.45
C LYS A 510 30.80 1.26 -56.34
N VAL A 511 30.18 0.11 -56.11
CA VAL A 511 30.73 -0.86 -55.13
C VAL A 511 31.94 -1.57 -55.74
N PRO A 512 33.09 -1.56 -55.08
CA PRO A 512 34.27 -2.20 -55.68
C PRO A 512 34.09 -3.71 -55.79
N GLU A 513 34.67 -4.29 -56.83
CA GLU A 513 34.78 -5.72 -56.86
C GLU A 513 35.55 -6.15 -55.61
N ASN A 514 35.11 -7.23 -55.00
CA ASN A 514 35.74 -7.81 -53.80
C ASN A 514 35.37 -7.10 -52.50
N SER A 515 34.48 -6.06 -52.53
CA SER A 515 33.87 -5.54 -51.30
C SER A 515 32.46 -6.11 -51.15
N PRO A 516 32.08 -6.52 -49.94
CA PRO A 516 32.78 -6.28 -48.68
C PRO A 516 33.88 -7.31 -48.38
N GLY A 517 33.93 -8.41 -49.12
CA GLY A 517 35.02 -9.37 -48.93
C GLY A 517 34.68 -10.57 -48.08
N GLY A 518 35.21 -11.74 -48.47
CA GLY A 518 35.08 -12.93 -47.68
C GLY A 518 36.15 -13.09 -46.62
N LYS A 519 36.21 -14.29 -46.05
CA LYS A 519 37.09 -14.54 -44.91
C LYS A 519 38.56 -14.34 -45.25
N GLY A 520 38.93 -14.43 -46.51
CA GLY A 520 40.29 -14.24 -47.01
C GLY A 520 40.71 -12.80 -47.20
N THR A 521 39.91 -11.84 -46.75
CA THR A 521 40.20 -10.43 -46.95
C THR A 521 40.06 -9.68 -45.64
N PRO A 522 40.84 -8.62 -45.45
CA PRO A 522 40.62 -7.75 -44.29
C PRO A 522 39.34 -6.91 -44.47
N ILE A 523 38.81 -6.44 -43.36
CA ILE A 523 37.70 -5.47 -43.49
C ILE A 523 38.20 -4.28 -44.31
N PRO A 524 37.53 -3.91 -45.40
CA PRO A 524 38.13 -2.90 -46.31
C PRO A 524 38.16 -1.52 -45.71
N LYS A 525 39.13 -0.72 -46.18
CA LYS A 525 39.23 0.71 -45.92
C LYS A 525 38.94 1.47 -47.20
N PHE A 526 38.26 2.60 -47.09
CA PHE A 526 37.94 3.42 -48.25
C PHE A 526 38.26 4.88 -47.96
N ASP A 527 38.80 5.56 -48.96
CA ASP A 527 38.81 7.03 -48.97
C ASP A 527 37.42 7.53 -49.33
N ALA A 528 36.99 8.61 -48.69
CA ALA A 528 35.67 9.15 -49.03
C ALA A 528 35.65 9.56 -50.51
N SER A 529 34.54 9.27 -51.18
CA SER A 529 34.39 9.66 -52.59
C SER A 529 32.94 10.03 -52.85
N TRP A 530 32.74 10.83 -53.90
CA TRP A 530 31.42 11.33 -54.24
C TRP A 530 31.40 11.89 -55.67
N LYS B 9 -23.52 25.44 24.59
CA LYS B 9 -23.10 24.03 24.73
C LYS B 9 -23.56 23.43 26.07
N PRO B 10 -24.00 22.18 26.05
CA PRO B 10 -24.54 21.57 27.27
C PRO B 10 -23.44 21.07 28.20
N ASN B 11 -23.80 21.03 29.47
CA ASN B 11 -22.88 20.41 30.44
C ASN B 11 -23.00 18.90 30.27
N ILE B 12 -21.92 18.19 30.60
CA ILE B 12 -21.96 16.70 30.56
C ILE B 12 -21.70 16.19 31.98
N LEU B 13 -22.67 15.45 32.53
CA LEU B 13 -22.47 14.80 33.84
C LEU B 13 -22.42 13.30 33.54
N PHE B 14 -21.25 12.70 33.67
CA PHE B 14 -21.05 11.31 33.35
C PHE B 14 -20.79 10.56 34.64
N ILE B 15 -21.76 9.74 35.04
CA ILE B 15 -21.69 8.95 36.28
C ILE B 15 -21.38 7.53 35.85
N ILE B 16 -20.26 7.04 36.33
CA ILE B 16 -19.81 5.70 35.96
C ILE B 16 -19.58 4.87 37.23
N THR B 17 -20.38 3.82 37.40
CA THR B 17 -20.24 2.88 38.50
C THR B 17 -19.36 1.72 38.05
N ASP B 18 -19.03 0.87 38.99
CA ASP B 18 -18.20 -0.25 38.68
C ASP B 18 -18.90 -1.60 38.98
N ASP B 19 -19.11 -2.38 37.93
CA ASP B 19 -19.66 -3.71 38.04
C ASP B 19 -21.13 -3.73 38.42
N HIS B 20 -21.87 -2.77 37.89
CA HIS B 20 -23.32 -2.70 38.15
C HIS B 20 -24.06 -3.51 37.09
N ALA B 21 -24.72 -4.59 37.54
CA ALA B 21 -25.48 -5.45 36.64
C ALA B 21 -26.79 -4.78 36.19
N TYR B 22 -27.09 -4.92 34.89
CA TYR B 22 -28.36 -4.29 34.44
C TYR B 22 -29.55 -4.92 35.11
N GLN B 23 -29.43 -6.16 35.59
CA GLN B 23 -30.49 -6.85 36.35
C GLN B 23 -30.86 -6.13 37.63
N THR B 24 -30.04 -5.15 38.05
CA THR B 24 -30.24 -4.42 39.30
C THR B 24 -30.33 -2.92 39.10
N LEU B 25 -30.63 -2.47 37.87
CA LEU B 25 -30.51 -1.06 37.54
C LEU B 25 -31.63 -0.21 38.17
N GLY B 26 -32.75 -0.82 38.54
CA GLY B 26 -33.80 -0.09 39.26
C GLY B 26 -34.70 0.79 38.41
N THR B 27 -34.73 0.59 37.11
CA THR B 27 -35.55 1.43 36.26
C THR B 27 -36.99 0.98 36.08
N GLY B 28 -37.33 -0.20 36.54
CA GLY B 28 -38.67 -0.68 36.31
C GLY B 28 -38.95 -1.96 37.04
N ASN B 29 -40.04 -2.62 36.64
CA ASN B 29 -40.55 -3.76 37.40
C ASN B 29 -39.63 -4.97 37.35
N ASN B 30 -38.86 -5.11 36.29
CA ASN B 30 -38.06 -6.29 36.11
C ASN B 30 -36.57 -6.18 36.40
N ASP B 31 -36.15 -5.07 36.99
CA ASP B 31 -34.73 -4.88 37.29
C ASP B 31 -34.54 -4.22 38.63
N SER B 32 -35.49 -4.42 39.58
CA SER B 32 -35.46 -3.72 40.86
C SER B 32 -35.51 -4.72 42.02
N PRO B 33 -34.51 -5.61 42.09
CA PRO B 33 -34.48 -6.54 43.23
C PRO B 33 -34.44 -5.80 44.55
N VAL B 34 -33.86 -4.60 44.57
CA VAL B 34 -34.06 -3.63 45.64
C VAL B 34 -34.57 -2.34 44.98
N ALA B 35 -35.47 -1.64 45.67
CA ALA B 35 -35.99 -0.38 45.14
C ALA B 35 -34.92 0.68 45.14
N LEU B 36 -34.77 1.35 44.00
CA LEU B 36 -33.77 2.40 43.80
C LEU B 36 -34.52 3.61 43.27
N PRO B 37 -35.12 4.40 44.14
CA PRO B 37 -36.05 5.43 43.65
C PRO B 37 -35.37 6.49 42.82
N ASN B 38 -34.11 6.81 43.11
CA ASN B 38 -33.46 7.88 42.32
C ASN B 38 -33.05 7.36 40.94
N PHE B 39 -32.58 6.10 40.85
CA PHE B 39 -32.40 5.50 39.52
C PHE B 39 -33.72 5.46 38.79
N ASN B 40 -34.79 5.11 39.50
CA ASN B 40 -36.08 4.95 38.84
C ASN B 40 -36.56 6.29 38.27
N LYS B 41 -36.36 7.36 39.04
CA LYS B 41 -36.77 8.68 38.57
C LYS B 41 -35.93 9.12 37.37
N LEU B 42 -34.62 8.87 37.42
CA LEU B 42 -33.77 9.22 36.29
C LEU B 42 -34.25 8.55 35.02
N GLY B 43 -34.60 7.26 35.11
CA GLY B 43 -35.17 6.60 33.97
C GLY B 43 -36.50 7.18 33.54
N ARG B 44 -37.35 7.55 34.51
CA ARG B 44 -38.63 8.15 34.15
C ARG B 44 -38.45 9.44 33.39
N GLN B 45 -37.37 10.17 33.65
CA GLN B 45 -37.11 11.44 32.98
C GLN B 45 -36.31 11.28 31.70
N GLY B 46 -35.79 10.09 31.44
CA GLY B 46 -34.87 9.91 30.34
C GLY B 46 -35.05 8.59 29.62
N MET B 47 -33.94 8.03 29.14
CA MET B 47 -33.97 6.92 28.22
C MET B 47 -33.03 5.84 28.73
N VAL B 48 -33.58 4.62 28.89
CA VAL B 48 -32.78 3.45 29.27
C VAL B 48 -32.48 2.65 28.01
N PHE B 49 -31.19 2.27 27.83
CA PHE B 49 -30.76 1.53 26.64
C PHE B 49 -30.65 0.05 27.01
N ASP B 50 -31.61 -0.75 26.54
CA ASP B 50 -31.65 -2.15 26.91
C ASP B 50 -30.81 -3.06 26.01
N ARG B 51 -30.18 -2.51 24.98
CA ARG B 51 -29.30 -3.29 24.11
C ARG B 51 -27.95 -2.61 24.05
N SER B 52 -27.47 -2.26 25.26
CA SER B 52 -26.21 -1.56 25.51
C SER B 52 -25.13 -2.55 25.90
N TYR B 53 -23.98 -2.48 25.22
CA TYR B 53 -22.91 -3.49 25.37
C TYR B 53 -21.55 -2.85 25.58
N CYS B 54 -20.60 -3.65 26.09
CA CYS B 54 -19.20 -3.24 26.10
C CYS B 54 -18.46 -3.98 24.98
N ALA B 55 -17.18 -3.60 24.79
CA ALA B 55 -16.32 -4.22 23.78
C ALA B 55 -15.25 -5.13 24.38
N ASN B 56 -15.14 -5.14 25.69
CA ASN B 56 -14.14 -5.90 26.46
C ASN B 56 -14.64 -5.79 27.90
N SER B 57 -15.17 -6.88 28.49
CA SER B 57 -15.88 -6.76 29.77
C SER B 57 -14.90 -6.82 30.94
N LEU B 58 -14.19 -5.71 31.13
CA LEU B 58 -13.24 -5.59 32.21
C LEU B 58 -13.10 -4.10 32.52
N CYS B 59 -12.83 -3.80 33.80
CA CYS B 59 -12.95 -2.43 34.34
C CYS B 59 -12.07 -1.44 33.58
N GLY B 60 -10.77 -1.65 33.57
CA GLY B 60 -9.86 -0.72 32.91
C GLY B 60 -10.11 -0.60 31.42
N PRO B 61 -10.15 -1.73 30.71
CA PRO B 61 -10.40 -1.67 29.27
C PRO B 61 -11.70 -0.97 28.92
N SER B 62 -12.76 -1.16 29.72
CA SER B 62 -14.00 -0.48 29.37
C SER B 62 -13.82 1.03 29.47
N ARG B 63 -13.17 1.49 30.53
CA ARG B 63 -12.95 2.93 30.69
C ARG B 63 -12.09 3.48 29.55
N ALA B 64 -11.13 2.71 29.07
CA ALA B 64 -10.32 3.18 27.94
C ALA B 64 -11.15 3.25 26.66
N CYS B 65 -12.01 2.25 26.42
CA CYS B 65 -12.95 2.31 25.28
C CYS B 65 -13.84 3.54 25.38
N ILE B 66 -14.33 3.85 26.59
CA ILE B 66 -15.21 5.00 26.75
C ILE B 66 -14.44 6.29 26.41
N LEU B 67 -13.22 6.42 26.95
CA LEU B 67 -12.44 7.63 26.71
C LEU B 67 -12.13 7.85 25.23
N THR B 68 -11.89 6.77 24.47
CA THR B 68 -11.28 6.91 23.16
C THR B 68 -12.25 6.63 22.01
N GLY B 69 -13.41 6.06 22.28
CA GLY B 69 -14.30 5.66 21.20
C GLY B 69 -13.70 4.63 20.28
N ARG B 70 -12.75 3.84 20.79
CA ARG B 70 -12.02 2.85 20.00
C ARG B 70 -11.89 1.55 20.78
N HIS B 71 -11.79 0.46 20.02
CA HIS B 71 -11.63 -0.89 20.60
C HIS B 71 -10.29 -1.00 21.32
N SER B 72 -10.19 -2.00 22.21
CA SER B 72 -9.00 -2.18 23.08
C SER B 72 -7.69 -2.27 22.29
N HIS B 73 -7.69 -3.00 21.20
CA HIS B 73 -6.45 -3.18 20.41
C HIS B 73 -6.02 -1.85 19.79
N MET B 74 -6.93 -0.90 19.69
CA MET B 74 -6.63 0.43 19.10
C MET B 74 -6.20 1.42 20.20
N ASN B 75 -6.84 1.38 21.38
CA ASN B 75 -6.45 2.32 22.41
C ASN B 75 -5.31 1.79 23.28
N GLY B 76 -5.01 0.48 23.19
CA GLY B 76 -3.83 -0.07 23.80
C GLY B 76 -4.01 -0.61 25.21
N PHE B 77 -5.15 -0.34 25.85
CA PHE B 77 -5.37 -0.81 27.22
C PHE B 77 -6.31 -2.02 27.17
N VAL B 78 -5.71 -3.22 27.13
CA VAL B 78 -6.49 -4.47 26.85
C VAL B 78 -6.74 -5.32 28.10
N PHE B 79 -6.02 -5.04 29.16
CA PHE B 79 -6.23 -5.78 30.43
C PHE B 79 -5.86 -4.92 31.63
N ASN B 80 -6.30 -5.37 32.80
CA ASN B 80 -6.06 -4.62 34.06
C ASN B 80 -4.62 -4.96 34.40
N GLY B 81 -3.73 -4.57 33.50
CA GLY B 81 -2.31 -4.87 33.66
C GLY B 81 -1.57 -3.68 34.23
N GLN B 82 -0.25 -3.74 34.21
CA GLN B 82 0.57 -2.66 34.79
C GLN B 82 1.17 -1.82 33.65
N ARG B 83 0.64 -1.97 32.43
CA ARG B 83 1.12 -1.12 31.35
C ARG B 83 0.20 0.08 31.26
N PRO B 84 0.67 1.29 31.53
CA PRO B 84 -0.23 2.41 31.66
C PRO B 84 -0.93 2.74 30.34
N LEU B 85 -2.12 3.29 30.46
CA LEU B 85 -2.78 3.89 29.29
C LEU B 85 -1.90 5.00 28.73
N ASP B 86 -1.79 5.02 27.40
CA ASP B 86 -1.12 6.15 26.74
C ASP B 86 -2.08 7.33 26.71
N GLY B 87 -1.95 8.25 27.68
CA GLY B 87 -2.81 9.42 27.75
C GLY B 87 -2.55 10.48 26.71
N SER B 88 -1.56 10.29 25.85
CA SER B 88 -1.27 11.26 24.81
C SER B 88 -2.06 11.03 23.54
N GLN B 89 -2.80 9.93 23.45
CA GLN B 89 -3.68 9.67 22.32
C GLN B 89 -4.95 10.50 22.43
N PRO B 90 -5.77 10.51 21.37
CA PRO B 90 -7.04 11.24 21.43
C PRO B 90 -7.98 10.67 22.50
N THR B 91 -8.59 11.55 23.29
CA THR B 91 -9.65 11.16 24.24
C THR B 91 -10.68 12.26 24.28
N TYR B 92 -11.91 11.90 24.63
CA TYR B 92 -12.93 12.95 24.54
C TYR B 92 -12.73 14.02 25.62
N PRO B 93 -12.22 13.73 26.83
CA PRO B 93 -12.00 14.85 27.76
C PRO B 93 -11.06 15.90 27.19
N LYS B 94 -9.96 15.49 26.57
CA LYS B 94 -9.07 16.47 25.95
C LYS B 94 -9.78 17.23 24.85
N MET B 95 -10.64 16.55 24.09
CA MET B 95 -11.37 17.19 23.02
C MET B 95 -12.31 18.26 23.56
N LEU B 96 -13.02 17.94 24.65
CA LEU B 96 -13.93 18.92 25.25
C LEU B 96 -13.16 20.08 25.88
N GLN B 97 -12.04 19.77 26.53
CA GLN B 97 -11.23 20.82 27.15
C GLN B 97 -10.79 21.84 26.11
N LYS B 98 -10.37 21.34 24.97
CA LYS B 98 -9.94 22.20 23.89
C LYS B 98 -11.09 23.06 23.35
N ALA B 99 -12.30 22.56 23.40
CA ALA B 99 -13.48 23.26 22.93
C ALA B 99 -14.07 24.21 23.98
N GLY B 100 -13.41 24.38 25.10
CA GLY B 100 -13.83 25.34 26.10
C GLY B 100 -14.58 24.78 27.30
N TYR B 101 -14.56 23.49 27.54
CA TYR B 101 -15.21 22.95 28.69
C TYR B 101 -14.31 22.93 29.90
N GLN B 102 -14.87 23.10 31.07
CA GLN B 102 -14.13 22.98 32.31
C GLN B 102 -14.28 21.48 32.61
N THR B 103 -13.19 20.75 32.86
CA THR B 103 -13.28 19.32 33.03
C THR B 103 -12.84 18.81 34.39
N GLY B 104 -13.61 17.91 34.97
CA GLY B 104 -13.31 17.39 36.28
C GLY B 104 -13.57 15.89 36.37
N LEU B 105 -12.76 15.23 37.21
CA LEU B 105 -12.83 13.78 37.44
C LEU B 105 -12.58 13.48 38.91
N PHE B 106 -13.49 12.72 39.52
CA PHE B 106 -13.35 12.29 40.91
C PHE B 106 -13.64 10.80 41.05
N GLY B 107 -12.75 10.08 41.74
CA GLY B 107 -12.98 8.68 42.02
C GLY B 107 -12.12 7.71 41.23
N LYS B 108 -12.75 6.66 40.71
CA LYS B 108 -11.98 5.59 40.05
C LYS B 108 -11.48 5.95 38.66
N TRP B 109 -10.22 5.59 38.41
CA TRP B 109 -9.57 5.78 37.11
C TRP B 109 -8.98 4.41 36.76
N HIS B 110 -8.00 4.00 37.54
CA HIS B 110 -7.33 2.73 37.40
C HIS B 110 -6.78 2.41 35.99
N LEU B 111 -6.29 3.45 35.32
CA LEU B 111 -5.67 3.34 34.03
C LEU B 111 -4.14 3.59 34.11
N GLU B 112 -3.62 3.60 35.33
CA GLU B 112 -2.19 3.59 35.59
C GLU B 112 -1.30 4.65 34.97
N SER B 113 -1.85 5.79 34.65
CA SER B 113 -1.18 6.95 34.14
C SER B 113 -2.04 8.13 34.65
N ASP B 114 -1.43 9.27 34.84
CA ASP B 114 -2.19 10.41 35.32
C ASP B 114 -3.24 10.78 34.26
N PRO B 115 -4.47 11.07 34.69
CA PRO B 115 -5.50 11.49 33.75
C PRO B 115 -4.99 12.65 32.89
N THR B 116 -5.40 12.66 31.63
CA THR B 116 -5.17 13.82 30.76
C THR B 116 -6.51 14.38 30.31
N GLY B 117 -6.52 15.67 30.00
CA GLY B 117 -7.73 16.35 29.59
C GLY B 117 -8.61 16.82 30.72
N PHE B 118 -8.18 16.68 31.97
CA PHE B 118 -8.99 17.04 33.14
C PHE B 118 -8.32 18.19 33.87
N ASP B 119 -8.97 19.35 33.85
CA ASP B 119 -8.50 20.52 34.64
C ASP B 119 -8.34 20.14 36.11
N THR B 120 -9.29 19.38 36.66
CA THR B 120 -9.27 18.95 38.06
C THR B 120 -9.40 17.43 38.11
N TRP B 121 -8.54 16.79 38.89
CA TRP B 121 -8.75 15.35 39.11
C TRP B 121 -8.24 14.91 40.47
N GLU B 122 -9.06 14.09 41.14
CA GLU B 122 -8.70 13.39 42.38
C GLU B 122 -9.17 11.96 42.24
N ILE B 123 -8.24 11.01 42.22
CA ILE B 123 -8.56 9.63 41.85
C ILE B 123 -8.09 8.67 42.93
N PHE B 124 -8.77 7.51 42.99
CA PHE B 124 -8.35 6.48 43.90
C PHE B 124 -6.96 5.97 43.50
N PRO B 125 -6.17 5.53 44.46
CA PRO B 125 -4.98 4.74 44.11
C PRO B 125 -5.49 3.39 43.69
N GLY B 126 -5.55 3.09 42.40
CA GLY B 126 -6.03 1.77 41.99
C GLY B 126 -7.51 1.51 42.18
N GLN B 127 -7.85 0.44 42.90
CA GLN B 127 -9.24 0.01 43.04
C GLN B 127 -10.06 0.95 43.88
N GLY B 128 -9.43 1.67 44.80
CA GLY B 128 -10.16 2.45 45.76
C GLY B 128 -10.70 1.59 46.89
N SER B 129 -11.09 2.25 47.97
CA SER B 129 -11.62 1.53 49.13
C SER B 129 -12.95 2.13 49.50
N TYR B 130 -13.87 1.28 49.99
CA TYR B 130 -15.16 1.75 50.46
C TYR B 130 -15.02 2.67 51.68
N TYR B 131 -14.20 2.26 52.65
CA TYR B 131 -14.11 2.98 53.92
C TYR B 131 -12.85 3.84 54.00
N ASN B 132 -13.09 5.12 54.29
CA ASN B 132 -11.97 6.05 54.54
C ASN B 132 -11.05 6.06 53.33
N PRO B 133 -11.58 6.44 52.16
CA PRO B 133 -10.80 6.41 50.95
C PRO B 133 -9.61 7.34 50.80
N ASP B 134 -8.54 6.84 50.19
CA ASP B 134 -7.43 7.70 49.77
C ASP B 134 -7.67 8.23 48.35
N PHE B 135 -7.20 9.47 48.10
CA PHE B 135 -7.23 10.08 46.78
C PHE B 135 -5.84 10.62 46.42
N ILE B 136 -5.42 10.40 45.19
CA ILE B 136 -4.21 10.96 44.60
C ILE B 136 -4.58 12.21 43.81
N SER B 137 -3.75 13.25 43.90
CA SER B 137 -4.00 14.49 43.16
C SER B 137 -2.66 15.17 42.97
N LEU B 138 -2.64 16.22 42.18
CA LEU B 138 -1.36 16.91 41.92
C LEU B 138 -1.29 18.17 42.77
N LYS B 139 -0.06 18.42 43.25
CA LYS B 139 0.19 19.69 43.97
C LYS B 139 0.51 20.73 42.88
N PRO B 140 0.71 22.03 43.18
CA PRO B 140 1.14 23.01 42.17
C PRO B 140 2.49 22.54 41.61
N ASP B 141 3.27 21.87 42.44
CA ASP B 141 4.56 21.26 42.02
C ASP B 141 4.36 20.38 40.79
N GLY B 142 3.12 19.91 40.54
CA GLY B 142 2.92 18.95 39.51
C GLY B 142 3.33 17.58 39.92
N LYS B 143 3.66 17.39 41.20
CA LYS B 143 4.08 16.11 41.74
C LYS B 143 2.95 15.55 42.59
N ARG B 144 2.80 14.22 42.55
CA ARG B 144 1.64 13.58 43.19
C ARG B 144 1.63 13.63 44.70
N GLN B 145 0.44 13.68 45.28
CA GLN B 145 0.26 13.59 46.74
C GLN B 145 -0.88 12.58 46.98
N THR B 146 -0.91 11.96 48.13
CA THR B 146 -2.00 11.02 48.49
C THR B 146 -2.60 11.48 49.81
N LYS B 147 -3.92 11.60 49.87
CA LYS B 147 -4.57 12.08 51.09
C LYS B 147 -5.82 11.25 51.39
N ARG B 148 -6.06 11.01 52.67
CA ARG B 148 -7.17 10.19 53.10
C ARG B 148 -8.34 11.06 53.48
N PHE B 149 -9.54 10.66 53.04
CA PHE B 149 -10.76 11.40 53.31
C PHE B 149 -11.71 10.54 54.10
N PRO B 150 -11.80 10.74 55.40
CA PRO B 150 -12.73 9.96 56.22
C PRO B 150 -14.15 10.07 55.68
N GLY B 151 -14.85 8.93 55.67
CA GLY B 151 -16.19 8.83 55.15
C GLY B 151 -16.33 7.54 54.34
N TYR B 152 -17.46 7.40 53.68
CA TYR B 152 -17.73 6.25 52.83
C TYR B 152 -17.57 6.69 51.37
N ALA B 153 -16.85 5.89 50.59
CA ALA B 153 -16.40 6.33 49.25
C ALA B 153 -17.56 6.84 48.40
N THR B 154 -18.67 6.12 48.39
CA THR B 154 -19.77 6.52 47.51
C THR B 154 -20.26 7.91 47.87
N ASP B 155 -20.31 8.21 49.17
CA ASP B 155 -20.66 9.55 49.65
C ASP B 155 -19.54 10.54 49.37
N VAL B 156 -18.28 10.15 49.63
CA VAL B 156 -17.19 11.12 49.53
C VAL B 156 -17.01 11.57 48.09
N VAL B 157 -17.13 10.64 47.14
CA VAL B 157 -17.01 11.02 45.73
C VAL B 157 -18.12 12.00 45.36
N THR B 158 -19.34 11.75 45.84
CA THR B 158 -20.45 12.66 45.60
C THR B 158 -20.17 14.04 46.24
N ASP B 159 -19.69 14.06 47.49
CA ASP B 159 -19.38 15.32 48.14
C ASP B 159 -18.43 16.15 47.29
N LYS B 160 -17.31 15.55 46.87
CA LYS B 160 -16.30 16.28 46.12
C LYS B 160 -16.87 16.77 44.79
N SER B 161 -17.68 15.93 44.12
CA SER B 161 -18.23 16.32 42.83
C SER B 161 -19.14 17.54 42.96
N ILE B 162 -20.05 17.51 43.93
CA ILE B 162 -20.96 18.64 44.10
C ILE B 162 -20.20 19.89 44.53
N GLN B 163 -19.21 19.73 45.38
CA GLN B 163 -18.36 20.87 45.75
C GLN B 163 -17.69 21.47 44.52
N TRP B 164 -17.19 20.62 43.62
CA TRP B 164 -16.56 21.12 42.41
C TRP B 164 -17.56 21.84 41.52
N LEU B 165 -18.77 21.30 41.41
CA LEU B 165 -19.80 21.95 40.61
C LEU B 165 -20.12 23.34 41.15
N GLY B 166 -20.28 23.44 42.47
CA GLY B 166 -20.58 24.74 43.07
C GLY B 166 -19.48 25.76 42.86
N ASN B 167 -18.24 25.33 42.73
CA ASN B 167 -17.14 26.25 42.54
C ASN B 167 -16.74 26.44 41.08
N ARG B 168 -17.55 25.97 40.15
CA ARG B 168 -17.19 26.05 38.74
C ARG B 168 -17.30 27.49 38.24
N ASP B 169 -16.64 27.75 37.11
CA ASP B 169 -16.91 28.91 36.26
C ASP B 169 -18.24 28.73 35.56
N LYS B 170 -19.29 29.41 36.05
CA LYS B 170 -20.61 29.09 35.52
C LYS B 170 -20.84 29.60 34.11
N ASN B 171 -19.88 30.34 33.55
CA ASN B 171 -19.95 30.78 32.16
C ASN B 171 -19.29 29.82 31.19
N LYS B 172 -18.72 28.70 31.69
CA LYS B 172 -18.18 27.66 30.85
C LYS B 172 -18.99 26.38 31.07
N PRO B 173 -19.25 25.63 30.01
CA PRO B 173 -19.88 24.30 30.22
C PRO B 173 -18.91 23.40 30.95
N PHE B 174 -19.45 22.48 31.74
CA PHE B 174 -18.56 21.55 32.44
C PHE B 174 -18.73 20.13 31.91
N LEU B 175 -17.64 19.37 32.02
CA LEU B 175 -17.65 17.91 31.95
C LEU B 175 -17.22 17.42 33.33
N LEU B 176 -18.07 16.64 33.93
CA LEU B 176 -17.78 16.06 35.22
C LEU B 176 -17.94 14.52 35.14
N VAL B 177 -16.90 13.80 35.50
CA VAL B 177 -16.93 12.37 35.54
C VAL B 177 -16.89 11.94 36.99
N VAL B 178 -17.95 11.28 37.37
CA VAL B 178 -18.12 10.80 38.75
C VAL B 178 -17.86 9.30 38.72
N GLY B 179 -16.67 8.90 39.20
CA GLY B 179 -16.25 7.51 39.07
C GLY B 179 -16.38 6.75 40.37
N HIS B 180 -17.51 6.07 40.57
CA HIS B 180 -17.73 5.35 41.82
C HIS B 180 -16.92 4.03 41.88
N LYS B 181 -16.61 3.63 43.12
CA LYS B 181 -16.06 2.29 43.34
C LYS B 181 -17.17 1.24 43.30
N ALA B 182 -18.32 1.59 43.90
CA ALA B 182 -19.43 0.67 43.99
C ALA B 182 -20.05 0.40 42.63
N PRO B 183 -20.69 -0.75 42.45
CA PRO B 183 -20.66 -1.88 43.40
C PRO B 183 -19.57 -2.95 43.15
N HIS B 184 -18.29 -2.55 43.18
CA HIS B 184 -17.17 -3.48 43.01
C HIS B 184 -16.94 -4.32 44.27
N ARG B 185 -16.26 -5.44 44.10
CA ARG B 185 -15.86 -6.30 45.20
C ARG B 185 -15.01 -5.45 46.18
N ALA B 186 -15.16 -5.60 47.49
CA ALA B 186 -15.83 -6.70 48.14
C ALA B 186 -17.25 -6.37 48.63
N TRP B 187 -17.89 -5.37 48.01
CA TRP B 187 -19.31 -5.07 48.26
C TRP B 187 -19.57 -4.78 49.74
N CYS B 188 -18.98 -3.65 50.21
CA CYS B 188 -19.16 -3.23 51.60
C CYS B 188 -20.18 -2.10 51.66
N PRO B 189 -21.40 -2.34 52.12
CA PRO B 189 -22.37 -1.22 52.19
C PRO B 189 -21.97 -0.18 53.22
N ALA B 190 -22.56 1.01 53.07
CA ALA B 190 -22.49 2.03 54.12
C ALA B 190 -23.14 1.53 55.41
N LEU B 191 -22.60 2.02 56.54
CA LEU B 191 -23.13 1.54 57.82
C LEU B 191 -24.63 1.80 57.93
N ARG B 192 -25.10 2.94 57.42
CA ARG B 192 -26.52 3.24 57.52
C ARG B 192 -27.39 2.25 56.75
N HIS B 193 -26.81 1.46 55.86
CA HIS B 193 -27.60 0.55 55.05
C HIS B 193 -27.52 -0.90 55.51
N LEU B 194 -26.73 -1.18 56.54
CA LEU B 194 -26.66 -2.56 57.04
C LEU B 194 -28.02 -2.95 57.62
N GLY B 195 -28.58 -4.04 57.09
CA GLY B 195 -29.88 -4.53 57.48
C GLY B 195 -31.04 -3.97 56.68
N LYS B 196 -30.78 -3.05 55.74
CA LYS B 196 -31.87 -2.51 54.93
C LYS B 196 -32.25 -3.40 53.76
N VAL B 197 -31.48 -4.45 53.45
CA VAL B 197 -31.80 -5.35 52.36
C VAL B 197 -32.10 -6.72 52.95
N ASP B 198 -33.28 -7.24 52.66
CA ASP B 198 -33.73 -8.57 53.11
C ASP B 198 -33.88 -9.44 51.87
N THR B 199 -33.06 -10.49 51.75
CA THR B 199 -33.10 -11.29 50.55
C THR B 199 -33.92 -12.56 50.71
N SER B 200 -34.66 -12.70 51.82
CA SER B 200 -35.27 -14.00 52.10
C SER B 200 -36.35 -14.36 51.09
N SER B 201 -36.96 -13.40 50.42
CA SER B 201 -37.96 -13.71 49.41
C SER B 201 -37.38 -13.82 48.01
N MET B 202 -36.08 -13.61 47.85
CA MET B 202 -35.40 -13.77 46.56
C MET B 202 -35.02 -15.23 46.34
N THR B 203 -34.97 -15.60 45.06
CA THR B 203 -34.58 -16.92 44.61
C THR B 203 -33.42 -16.81 43.61
N PRO B 204 -32.42 -17.68 43.72
CA PRO B 204 -31.30 -17.63 42.77
C PRO B 204 -31.77 -17.86 41.35
N PRO B 205 -31.00 -17.43 40.36
CA PRO B 205 -31.38 -17.66 38.95
C PRO B 205 -31.66 -19.13 38.70
N ALA B 206 -32.51 -19.40 37.69
CA ALA B 206 -32.81 -20.79 37.37
C ALA B 206 -31.56 -21.60 37.04
N ASN B 207 -30.54 -20.95 36.48
CA ASN B 207 -29.30 -21.67 36.14
C ASN B 207 -28.19 -21.39 37.16
N PHE B 208 -28.58 -21.14 38.41
CA PHE B 208 -27.56 -20.94 39.45
C PHE B 208 -26.70 -22.17 39.66
N HIS B 209 -27.28 -23.37 39.56
CA HIS B 209 -26.51 -24.62 39.75
C HIS B 209 -26.01 -25.19 38.43
N ASP B 210 -25.62 -24.33 37.50
CA ASP B 210 -25.17 -24.73 36.17
C ASP B 210 -24.03 -25.74 36.20
N ASP B 211 -24.22 -26.89 35.54
CA ASP B 211 -23.16 -27.89 35.42
C ASP B 211 -22.32 -27.69 34.16
N TYR B 212 -22.62 -26.64 33.38
CA TYR B 212 -21.90 -26.26 32.17
C TYR B 212 -22.00 -27.30 31.06
N ALA B 213 -22.96 -28.23 31.14
CA ALA B 213 -23.19 -29.11 30.00
C ALA B 213 -23.59 -28.29 28.78
N ASN B 214 -23.17 -28.74 27.59
CA ASN B 214 -23.61 -28.09 26.33
C ASN B 214 -22.92 -26.74 26.16
N ARG B 215 -21.83 -26.49 26.88
CA ARG B 215 -21.00 -25.30 26.69
C ARG B 215 -19.52 -25.76 26.52
N PRO B 216 -18.65 -24.94 25.98
CA PRO B 216 -17.24 -25.27 25.83
C PRO B 216 -16.66 -25.76 27.14
N GLU B 217 -15.71 -26.71 26.99
CA GLU B 217 -15.07 -27.30 28.15
C GLU B 217 -14.39 -26.24 29.01
N PHE B 218 -13.87 -25.17 28.39
CA PHE B 218 -13.12 -24.23 29.20
C PHE B 218 -13.99 -23.59 30.30
N LEU B 219 -15.30 -23.54 30.13
CA LEU B 219 -16.14 -22.90 31.13
C LEU B 219 -16.06 -23.63 32.46
N LYS B 220 -15.81 -24.95 32.43
CA LYS B 220 -15.67 -25.67 33.68
C LYS B 220 -14.46 -25.22 34.48
N LYS B 221 -13.52 -24.53 33.82
CA LYS B 221 -12.27 -24.09 34.50
C LYS B 221 -12.41 -22.66 35.06
N ASN B 222 -13.61 -22.10 34.95
CA ASN B 222 -13.80 -20.70 35.39
C ASN B 222 -13.57 -20.58 36.90
N GLN B 223 -12.99 -19.45 37.32
CA GLN B 223 -12.76 -19.19 38.77
C GLN B 223 -13.59 -17.96 39.22
N GLN B 224 -14.85 -17.92 38.78
CA GLN B 224 -15.73 -16.84 39.23
C GLN B 224 -17.09 -17.41 39.63
N THR B 225 -17.11 -18.58 40.29
CA THR B 225 -18.37 -19.16 40.78
C THR B 225 -18.66 -18.68 42.21
N VAL B 226 -19.94 -18.48 42.49
CA VAL B 226 -20.38 -18.22 43.86
C VAL B 226 -20.05 -19.40 44.77
N ALA B 227 -20.24 -20.61 44.27
CA ALA B 227 -20.09 -21.80 45.14
C ALA B 227 -18.65 -22.03 45.57
N ASN B 228 -17.69 -21.80 44.67
CA ASN B 228 -16.28 -22.22 44.95
C ASN B 228 -15.22 -21.12 44.89
N HIS B 229 -15.57 -19.91 44.47
CA HIS B 229 -14.52 -18.90 44.31
C HIS B 229 -14.85 -17.60 45.01
N MET B 230 -15.61 -17.67 46.10
CA MET B 230 -15.78 -16.50 46.96
C MET B 230 -15.06 -16.70 48.28
N ALA B 231 -14.61 -15.58 48.83
CA ALA B 231 -13.87 -15.54 50.11
C ALA B 231 -14.86 -15.38 51.26
N ILE B 232 -14.94 -16.40 52.11
CA ILE B 232 -16.01 -16.45 53.11
C ILE B 232 -15.92 -15.29 54.08
N TYR B 233 -14.70 -14.85 54.47
CA TYR B 233 -14.55 -13.76 55.41
C TYR B 233 -14.54 -12.39 54.73
N SER B 234 -13.99 -12.29 53.52
CA SER B 234 -13.83 -10.98 52.87
C SER B 234 -15.02 -10.64 51.96
N ASP B 235 -15.33 -11.51 50.99
CA ASP B 235 -16.52 -11.28 50.16
C ASP B 235 -17.80 -11.39 50.98
N LEU B 236 -17.89 -12.39 51.86
CA LEU B 236 -19.15 -12.68 52.52
C LEU B 236 -19.20 -12.26 54.00
N LYS B 237 -18.16 -11.58 54.49
CA LYS B 237 -18.18 -10.82 55.74
C LYS B 237 -18.29 -11.69 56.99
N VAL B 238 -18.05 -12.98 56.88
CA VAL B 238 -18.13 -13.85 58.06
C VAL B 238 -17.03 -13.46 59.04
N LEU B 239 -17.38 -13.47 60.34
CA LEU B 239 -16.43 -13.07 61.39
C LEU B 239 -15.68 -14.31 61.87
N LYS B 240 -14.39 -14.42 61.50
CA LYS B 240 -13.64 -15.63 61.83
C LYS B 240 -13.66 -15.90 63.35
N ASP B 241 -13.56 -14.84 64.15
CA ASP B 241 -13.57 -14.92 65.62
C ASP B 241 -14.75 -15.72 66.17
N GLN B 242 -15.89 -15.65 65.50
CA GLN B 242 -17.14 -16.26 66.01
C GLN B 242 -17.45 -17.59 65.35
N VAL B 243 -16.52 -18.14 64.57
CA VAL B 243 -16.68 -19.44 63.97
C VAL B 243 -15.86 -20.43 64.82
N PRO B 244 -16.47 -21.50 65.33
CA PRO B 244 -15.67 -22.48 66.08
C PRO B 244 -14.47 -22.93 65.25
N GLU B 245 -13.30 -23.03 65.90
CA GLU B 245 -12.08 -23.34 65.15
C GLU B 245 -12.22 -24.64 64.36
N GLU B 246 -12.89 -25.64 64.95
CA GLU B 246 -13.10 -26.93 64.28
C GLU B 246 -13.85 -26.82 62.97
N MET B 247 -14.64 -25.76 62.78
CA MET B 247 -15.47 -25.61 61.60
C MET B 247 -14.79 -24.78 60.50
N ARG B 248 -13.76 -24.04 60.82
CA ARG B 248 -13.15 -23.15 59.85
C ARG B 248 -12.77 -23.78 58.55
N LYS B 249 -12.14 -24.94 58.56
CA LYS B 249 -11.76 -25.54 57.30
C LYS B 249 -12.93 -25.87 56.41
N SER B 250 -14.07 -26.25 56.98
CA SER B 250 -15.24 -26.62 56.21
C SER B 250 -15.91 -25.42 55.53
N ILE B 251 -15.64 -24.19 55.98
CA ILE B 251 -16.34 -23.04 55.40
C ILE B 251 -15.47 -22.24 54.42
N VAL B 252 -14.18 -22.57 54.28
CA VAL B 252 -13.27 -21.79 53.42
C VAL B 252 -12.96 -22.61 52.18
N SER B 253 -13.15 -22.02 51.00
CA SER B 253 -12.62 -22.68 49.80
C SER B 253 -11.08 -22.51 49.78
N PRO B 254 -10.35 -23.50 49.28
CA PRO B 254 -8.88 -23.44 49.40
C PRO B 254 -8.27 -22.17 48.84
N GLY B 255 -7.51 -21.44 49.67
CA GLY B 255 -6.91 -20.18 49.26
C GLY B 255 -7.82 -18.97 49.34
N TYR B 256 -9.09 -19.16 49.74
CA TYR B 256 -10.05 -18.06 49.78
C TYR B 256 -10.32 -17.56 51.21
N GLY B 257 -9.34 -17.69 52.12
CA GLY B 257 -9.56 -17.32 53.52
C GLY B 257 -9.01 -15.97 53.94
N TRP B 258 -8.84 -15.06 52.98
CA TRP B 258 -8.21 -13.77 53.29
C TRP B 258 -9.12 -12.87 54.12
N ASP B 259 -8.50 -11.95 54.85
CA ASP B 259 -9.27 -11.04 55.69
C ASP B 259 -9.96 -9.97 54.85
N LEU B 260 -11.04 -9.42 55.40
CA LEU B 260 -11.66 -8.26 54.78
C LEU B 260 -10.76 -7.03 55.00
N GLY B 261 -10.10 -6.58 53.95
CA GLY B 261 -9.16 -5.47 54.09
C GLY B 261 -9.83 -4.19 54.59
N GLU B 262 -11.09 -3.99 54.25
CA GLU B 262 -11.74 -2.75 54.63
C GLU B 262 -11.78 -2.55 56.14
N LEU B 263 -11.80 -3.66 56.91
CA LEU B 263 -11.91 -3.51 58.36
C LEU B 263 -10.69 -2.78 58.93
N ASN B 264 -9.53 -2.94 58.31
CA ASN B 264 -8.31 -2.28 58.77
C ASN B 264 -8.31 -0.79 58.51
N ARG B 265 -9.22 -0.28 57.69
CA ARG B 265 -9.33 1.13 57.39
C ARG B 265 -10.33 1.85 58.29
N MET B 266 -11.18 1.10 59.00
CA MET B 266 -12.26 1.62 59.80
C MET B 266 -11.79 2.18 61.15
N THR B 267 -12.49 3.19 61.65
CA THR B 267 -12.27 3.62 63.03
C THR B 267 -12.78 2.51 63.96
N PRO B 268 -12.37 2.46 65.25
CA PRO B 268 -12.93 1.46 66.15
C PRO B 268 -14.47 1.45 66.15
N GLU B 269 -15.09 2.62 66.22
CA GLU B 269 -16.57 2.70 66.28
C GLU B 269 -17.20 2.14 65.00
N GLU B 270 -16.62 2.46 63.84
CA GLU B 270 -17.10 1.91 62.54
C GLU B 270 -16.98 0.39 62.56
N LYS B 271 -15.83 -0.12 62.96
CA LYS B 271 -15.59 -1.58 62.94
C LYS B 271 -16.59 -2.27 63.89
N LYS B 272 -16.88 -1.61 65.00
CA LYS B 272 -17.86 -2.17 65.97
C LYS B 272 -19.25 -2.25 65.37
N THR B 273 -19.71 -1.16 64.76
CA THR B 273 -21.02 -1.17 64.10
C THR B 273 -21.07 -2.27 63.04
N TRP B 274 -20.02 -2.37 62.25
CA TRP B 274 -19.94 -3.40 61.22
C TRP B 274 -19.98 -4.79 61.83
N THR B 275 -19.06 -5.06 62.77
CA THR B 275 -18.98 -6.35 63.42
C THR B 275 -20.28 -6.73 64.11
N ASP B 276 -20.89 -5.78 64.84
CA ASP B 276 -22.16 -6.07 65.51
C ASP B 276 -23.22 -6.53 64.51
N TYR B 277 -23.24 -5.96 63.31
CA TYR B 277 -24.31 -6.38 62.36
C TYR B 277 -23.98 -7.77 61.82
N TYR B 278 -22.74 -7.94 61.36
CA TYR B 278 -22.36 -9.21 60.68
C TYR B 278 -22.30 -10.42 61.61
N ALA B 279 -22.44 -10.19 62.90
CA ALA B 279 -22.57 -11.35 63.80
C ALA B 279 -23.77 -12.19 63.45
N LYS B 280 -24.82 -11.57 62.89
CA LYS B 280 -26.03 -12.31 62.56
C LYS B 280 -25.76 -13.30 61.44
N ARG B 281 -25.15 -12.84 60.34
CA ARG B 281 -24.84 -13.74 59.26
C ARG B 281 -23.90 -14.84 59.73
N THR B 282 -22.92 -14.49 60.56
CA THR B 282 -22.00 -15.53 61.01
C THR B 282 -22.73 -16.57 61.87
N LYS B 283 -23.66 -16.12 62.74
CA LYS B 283 -24.47 -17.07 63.50
C LYS B 283 -25.27 -17.98 62.58
N SER B 284 -25.80 -17.41 61.49
CA SER B 284 -26.54 -18.22 60.53
C SER B 284 -25.67 -19.32 59.91
N LEU B 285 -24.39 -19.00 59.61
CA LEU B 285 -23.48 -19.99 59.05
C LEU B 285 -23.19 -21.10 60.05
N VAL B 286 -22.85 -20.74 61.28
CA VAL B 286 -22.55 -21.75 62.30
C VAL B 286 -23.77 -22.65 62.50
N ASP B 287 -24.95 -22.05 62.60
CA ASP B 287 -26.17 -22.84 62.82
C ASP B 287 -26.41 -23.79 61.66
N GLY B 288 -26.27 -23.29 60.43
CA GLY B 288 -26.57 -24.11 59.26
C GLY B 288 -25.55 -25.18 59.04
N MET B 289 -24.32 -24.94 59.46
CA MET B 289 -23.36 -26.02 59.32
C MET B 289 -23.59 -27.08 60.38
N LYS B 290 -23.81 -26.66 61.64
CA LYS B 290 -23.99 -27.63 62.73
C LYS B 290 -25.24 -28.47 62.55
N SER B 291 -26.29 -27.92 61.92
CA SER B 291 -27.52 -28.68 61.67
C SER B 291 -27.37 -29.67 60.52
N GLY B 292 -26.39 -29.45 59.68
CA GLY B 292 -26.19 -30.26 58.52
C GLY B 292 -26.78 -29.65 57.25
N LYS B 293 -27.57 -28.61 57.38
CA LYS B 293 -28.21 -28.00 56.24
C LYS B 293 -27.16 -27.56 55.20
N LEU B 294 -26.13 -26.89 55.66
CA LEU B 294 -25.13 -26.34 54.78
C LEU B 294 -24.01 -27.29 54.44
N LYS B 295 -24.08 -28.50 54.97
CA LYS B 295 -23.16 -29.53 54.52
C LYS B 295 -23.53 -30.08 53.14
N ASP B 296 -24.73 -29.77 52.66
CA ASP B 296 -25.08 -29.95 51.25
C ASP B 296 -24.45 -28.82 50.43
N PRO B 297 -23.51 -29.11 49.53
CA PRO B 297 -22.81 -28.00 48.84
C PRO B 297 -23.75 -27.10 48.07
N LYS B 298 -24.85 -27.62 47.55
CA LYS B 298 -25.77 -26.74 46.82
C LYS B 298 -26.48 -25.80 47.78
N ALA B 299 -26.78 -26.28 48.99
CA ALA B 299 -27.37 -25.41 49.99
C ALA B 299 -26.38 -24.35 50.47
N PHE B 300 -25.12 -24.73 50.67
CA PHE B 300 -24.11 -23.74 51.02
C PHE B 300 -23.97 -22.70 49.91
N ALA B 301 -23.98 -23.15 48.65
CA ALA B 301 -23.90 -22.21 47.53
C ALA B 301 -25.06 -21.21 47.57
N GLU B 302 -26.27 -21.68 47.85
CA GLU B 302 -27.40 -20.75 47.91
C GLU B 302 -27.26 -19.80 49.09
N TRP B 303 -26.75 -20.29 50.21
CA TRP B 303 -26.49 -19.41 51.36
C TRP B 303 -25.50 -18.32 50.97
N LYS B 304 -24.46 -18.70 50.24
CA LYS B 304 -23.49 -17.70 49.77
C LYS B 304 -24.14 -16.69 48.83
N TRP B 305 -25.00 -17.17 47.93
CA TRP B 305 -25.68 -16.27 47.01
C TRP B 305 -26.49 -15.22 47.78
N HIS B 306 -27.21 -15.65 48.83
CA HIS B 306 -28.00 -14.67 49.59
C HIS B 306 -27.13 -13.62 50.27
N ALA B 307 -25.95 -14.03 50.81
CA ALA B 307 -25.06 -13.08 51.42
C ALA B 307 -24.50 -12.08 50.40
N TYR B 308 -24.02 -12.62 49.28
CA TYR B 308 -23.58 -11.79 48.15
C TYR B 308 -24.64 -10.79 47.73
N MET B 309 -25.88 -11.25 47.48
CA MET B 309 -26.91 -10.34 47.03
C MET B 309 -27.22 -9.27 48.07
N GLU B 310 -27.30 -9.65 49.36
CA GLU B 310 -27.59 -8.64 50.36
C GLU B 310 -26.56 -7.52 50.31
N ASP B 311 -25.27 -7.88 50.19
CA ASP B 311 -24.25 -6.86 50.32
C ASP B 311 -24.15 -6.05 49.02
N TYR B 312 -24.25 -6.74 47.89
CA TYR B 312 -24.19 -6.06 46.60
C TYR B 312 -25.31 -5.05 46.47
N LEU B 313 -26.52 -5.47 46.75
CA LEU B 313 -27.67 -4.56 46.68
C LEU B 313 -27.59 -3.48 47.76
N GLY B 314 -27.02 -3.79 48.92
CA GLY B 314 -26.83 -2.76 49.94
C GLY B 314 -25.91 -1.65 49.44
N CYS B 315 -24.86 -2.00 48.69
CA CYS B 315 -24.01 -0.97 48.14
C CYS B 315 -24.78 -0.07 47.18
N LEU B 316 -25.71 -0.67 46.43
CA LEU B 316 -26.47 0.13 45.46
C LEU B 316 -27.30 1.21 46.14
N LEU B 317 -27.67 0.99 47.40
CA LEU B 317 -28.51 1.98 48.09
C LEU B 317 -27.79 3.32 48.20
N SER B 318 -26.48 3.30 48.44
CA SER B 318 -25.77 4.58 48.52
C SER B 318 -25.41 5.12 47.15
N VAL B 319 -25.27 4.24 46.14
CA VAL B 319 -25.20 4.76 44.78
C VAL B 319 -26.49 5.50 44.45
N ASP B 320 -27.64 4.93 44.83
CA ASP B 320 -28.90 5.62 44.58
C ASP B 320 -28.96 6.95 45.31
N ASP B 321 -28.43 6.99 46.54
CA ASP B 321 -28.29 8.27 47.23
C ASP B 321 -27.49 9.26 46.40
N SER B 322 -26.37 8.78 45.83
CA SER B 322 -25.51 9.64 45.04
C SER B 322 -26.24 10.22 43.85
N ILE B 323 -26.99 9.37 43.13
CA ILE B 323 -27.78 9.84 41.99
C ILE B 323 -28.73 10.95 42.46
N GLY B 324 -29.42 10.71 43.58
CA GLY B 324 -30.38 11.70 44.08
C GLY B 324 -29.72 13.02 44.43
N ARG B 325 -28.54 12.97 45.00
CA ARG B 325 -27.85 14.19 45.35
C ARG B 325 -27.41 14.92 44.11
N LEU B 326 -26.82 14.21 43.18
CA LEU B 326 -26.39 14.88 41.96
C LEU B 326 -27.58 15.46 41.20
N MET B 327 -28.68 14.73 41.10
CA MET B 327 -29.81 15.26 40.34
C MET B 327 -30.46 16.40 41.10
N GLU B 328 -30.45 16.35 42.43
CA GLU B 328 -30.97 17.47 43.22
C GLU B 328 -30.14 18.71 42.97
N TYR B 329 -28.81 18.57 42.92
CA TYR B 329 -27.98 19.74 42.60
C TYR B 329 -28.38 20.32 41.25
N LEU B 330 -28.46 19.52 40.23
CA LEU B 330 -28.80 20.04 38.94
C LEU B 330 -30.14 20.75 38.97
N ASP B 331 -31.08 20.19 39.69
CA ASP B 331 -32.39 20.76 39.77
C ASP B 331 -32.37 22.11 40.46
N LYS B 332 -31.75 22.20 41.60
CA LYS B 332 -31.74 23.46 42.32
C LYS B 332 -30.90 24.54 41.67
N GLU B 333 -29.93 24.14 40.91
CA GLU B 333 -29.08 25.07 40.18
C GLU B 333 -29.75 25.57 38.90
N GLY B 334 -30.87 24.95 38.52
CA GLY B 334 -31.61 25.40 37.36
C GLY B 334 -30.98 25.05 36.03
N ILE B 335 -30.15 24.02 35.97
CA ILE B 335 -29.39 23.70 34.77
C ILE B 335 -29.75 22.30 34.20
N ALA B 336 -30.78 21.65 34.72
CA ALA B 336 -31.12 20.30 34.23
C ALA B 336 -31.40 20.28 32.73
N LYS B 337 -32.04 21.33 32.19
CA LYS B 337 -32.35 21.33 30.76
C LYS B 337 -31.12 21.54 29.89
N ASP B 338 -30.02 22.04 30.46
CA ASP B 338 -28.81 22.28 29.70
C ASP B 338 -27.70 21.33 30.08
N THR B 339 -28.05 20.15 30.61
CA THR B 339 -27.07 19.16 31.00
C THR B 339 -27.47 17.80 30.42
N LEU B 340 -26.52 17.17 29.74
CA LEU B 340 -26.67 15.77 29.31
C LEU B 340 -26.10 14.90 30.43
N VAL B 341 -26.99 14.13 31.08
CA VAL B 341 -26.61 13.19 32.14
C VAL B 341 -26.48 11.82 31.50
N ILE B 342 -25.31 11.20 31.65
CA ILE B 342 -25.08 9.83 31.19
C ILE B 342 -24.72 9.01 32.41
N TYR B 343 -25.46 7.92 32.63
CA TYR B 343 -25.15 6.96 33.68
C TYR B 343 -24.77 5.65 33.00
N CYS B 344 -23.65 5.06 33.43
CA CYS B 344 -23.39 3.69 33.00
C CYS B 344 -22.64 2.96 34.10
N GLY B 345 -22.59 1.68 33.93
CA GLY B 345 -21.73 0.86 34.73
C GLY B 345 -20.61 0.47 33.76
N ASP B 346 -19.37 0.34 34.22
CA ASP B 346 -18.27 -0.02 33.34
C ASP B 346 -18.56 -1.27 32.51
N GLN B 347 -19.11 -2.27 33.16
CA GLN B 347 -19.67 -3.41 32.44
C GLN B 347 -20.75 -4.03 33.35
N GLY B 348 -21.48 -4.99 32.82
CA GLY B 348 -22.47 -5.68 33.63
C GLY B 348 -21.81 -6.71 34.52
N PHE B 349 -22.61 -7.54 35.16
CA PHE B 349 -22.08 -8.48 36.15
C PHE B 349 -23.03 -9.67 36.29
N TYR B 350 -22.50 -10.81 36.72
CA TYR B 350 -23.32 -11.99 36.97
C TYR B 350 -23.86 -11.91 38.40
N MET B 351 -25.17 -12.00 38.53
CA MET B 351 -25.85 -11.98 39.84
C MET B 351 -26.28 -13.44 40.14
N GLY B 352 -25.39 -14.39 39.87
CA GLY B 352 -25.64 -15.82 40.08
C GLY B 352 -25.97 -16.59 38.83
N GLU B 353 -26.22 -15.91 37.68
CA GLU B 353 -26.47 -16.67 36.47
C GLU B 353 -25.26 -17.55 36.16
N HIS B 354 -25.53 -18.77 35.73
CA HIS B 354 -24.47 -19.74 35.47
C HIS B 354 -23.65 -20.03 36.72
N GLY B 355 -24.19 -19.72 37.88
CA GLY B 355 -23.52 -19.91 39.14
C GLY B 355 -22.36 -18.93 39.34
N MET B 356 -22.32 -17.90 38.53
CA MET B 356 -21.20 -16.99 38.58
C MET B 356 -21.45 -15.59 39.16
N TYR B 357 -20.34 -14.98 39.51
CA TYR B 357 -20.29 -13.54 39.79
C TYR B 357 -19.22 -12.97 38.75
N ASP B 358 -18.87 -11.71 38.87
CA ASP B 358 -17.87 -11.05 38.00
C ASP B 358 -18.36 -10.79 36.55
N LYS B 359 -17.43 -10.69 35.62
CA LYS B 359 -17.78 -10.32 34.27
C LYS B 359 -16.89 -11.10 33.28
N ARG B 360 -16.21 -10.44 32.34
CA ARG B 360 -15.26 -11.07 31.45
C ARG B 360 -15.80 -11.83 30.26
N TRP B 361 -16.79 -12.67 30.42
CA TRP B 361 -17.29 -13.44 29.33
C TRP B 361 -18.21 -12.69 28.36
N ILE B 362 -18.25 -13.16 27.12
CA ILE B 362 -19.14 -12.58 26.09
C ILE B 362 -20.61 -12.95 26.34
N PHE B 363 -20.89 -13.79 27.35
CA PHE B 363 -22.28 -14.08 27.70
C PHE B 363 -23.02 -12.79 28.04
N GLU B 364 -24.34 -12.82 27.83
CA GLU B 364 -25.10 -11.56 27.77
C GLU B 364 -24.98 -10.73 29.05
N GLU B 365 -24.94 -11.36 30.24
CA GLU B 365 -24.95 -10.55 31.46
C GLU B 365 -23.74 -9.63 31.54
N SER B 366 -22.55 -10.12 31.14
CA SER B 366 -21.33 -9.32 31.21
C SER B 366 -21.02 -8.61 29.92
N LEU B 367 -21.62 -9.03 28.81
CA LEU B 367 -21.45 -8.28 27.54
C LEU B 367 -22.27 -6.97 27.65
N ARG B 368 -23.42 -7.07 28.30
CA ARG B 368 -24.27 -5.90 28.52
C ARG B 368 -23.63 -4.93 29.51
N MET B 369 -23.97 -3.66 29.38
CA MET B 369 -23.52 -2.67 30.36
C MET B 369 -24.71 -1.72 30.58
N PRO B 370 -25.12 -1.39 31.82
CA PRO B 370 -26.31 -0.52 31.98
C PRO B 370 -25.99 0.88 31.48
N LEU B 371 -26.99 1.53 30.87
CA LEU B 371 -26.81 2.85 30.27
C LEU B 371 -28.14 3.60 30.33
N ILE B 372 -28.12 4.79 30.94
CA ILE B 372 -29.27 5.71 31.00
C ILE B 372 -28.78 7.08 30.56
N MET B 373 -29.60 7.78 29.78
CA MET B 373 -29.29 9.17 29.45
C MET B 373 -30.49 10.04 29.73
N ARG B 374 -30.19 11.28 30.15
CA ARG B 374 -31.26 12.27 30.38
C ARG B 374 -30.80 13.60 29.79
N TRP B 375 -31.65 14.21 28.97
CA TRP B 375 -31.36 15.54 28.38
C TRP B 375 -32.75 16.11 28.09
N PRO B 376 -33.42 16.72 29.10
CA PRO B 376 -34.84 17.08 28.93
C PRO B 376 -35.03 18.05 27.79
N GLY B 377 -36.02 17.77 26.94
CA GLY B 377 -36.24 18.55 25.74
C GLY B 377 -35.52 18.05 24.52
N LYS B 378 -34.54 17.15 24.69
CA LYS B 378 -33.80 16.53 23.60
C LYS B 378 -34.03 15.04 23.53
N ILE B 379 -33.92 14.37 24.68
CA ILE B 379 -34.07 12.91 24.76
C ILE B 379 -35.45 12.63 25.35
N PRO B 380 -36.32 11.88 24.66
CA PRO B 380 -37.67 11.63 25.18
C PRO B 380 -37.64 10.96 26.54
N ALA B 381 -38.58 11.33 27.39
CA ALA B 381 -38.61 10.82 28.76
C ALA B 381 -39.40 9.53 28.86
N GLY B 382 -38.91 8.59 29.68
CA GLY B 382 -39.60 7.35 29.97
C GLY B 382 -39.53 6.30 28.90
N ILE B 383 -38.57 6.40 28.00
CA ILE B 383 -38.48 5.52 26.85
C ILE B 383 -37.42 4.45 27.12
N ARG B 384 -37.68 3.25 26.62
CA ARG B 384 -36.68 2.19 26.60
C ARG B 384 -36.22 2.00 25.17
N ASN B 385 -34.93 2.17 24.94
CA ASN B 385 -34.35 2.09 23.63
C ASN B 385 -33.81 0.69 23.33
N ASN B 386 -34.14 0.13 22.19
CA ASN B 386 -33.74 -1.22 21.83
C ASN B 386 -32.63 -1.25 20.78
N THR B 387 -32.06 -0.11 20.46
CA THR B 387 -31.01 -0.01 19.46
C THR B 387 -29.66 -0.54 20.00
N MET B 388 -28.93 -1.29 19.20
CA MET B 388 -27.66 -1.87 19.58
C MET B 388 -26.60 -0.79 19.72
N VAL B 389 -26.17 -0.54 20.95
CA VAL B 389 -25.16 0.49 21.21
C VAL B 389 -24.00 -0.13 22.00
N GLN B 390 -22.85 0.51 21.95
CA GLN B 390 -21.67 0.00 22.62
C GLN B 390 -20.89 1.15 23.24
N ASN B 391 -20.00 0.83 24.18
CA ASN B 391 -19.22 1.83 24.86
C ASN B 391 -18.24 2.64 23.98
N ILE B 392 -17.87 2.10 22.85
CA ILE B 392 -17.05 2.81 21.91
C ILE B 392 -17.85 3.98 21.27
N ASP B 393 -19.17 4.02 21.49
CA ASP B 393 -20.03 5.08 20.96
C ASP B 393 -20.10 6.29 21.89
N TYR B 394 -19.65 6.19 23.13
CA TYR B 394 -19.91 7.28 24.06
C TYR B 394 -19.12 8.52 23.70
N ALA B 395 -17.84 8.35 23.34
CA ALA B 395 -17.01 9.51 22.99
C ALA B 395 -17.57 10.30 21.80
N PRO B 396 -17.89 9.68 20.67
CA PRO B 396 -18.48 10.49 19.57
C PRO B 396 -19.81 11.12 19.97
N THR B 397 -20.59 10.45 20.81
CA THR B 397 -21.83 11.04 21.32
C THR B 397 -21.52 12.30 22.11
N ILE B 398 -20.60 12.20 23.06
CA ILE B 398 -20.30 13.34 23.94
C ILE B 398 -19.70 14.47 23.13
N VAL B 399 -18.74 14.15 22.25
CA VAL B 399 -18.12 15.17 21.40
C VAL B 399 -19.17 15.84 20.51
N SER B 400 -20.16 15.08 20.07
CA SER B 400 -21.21 15.66 19.21
C SER B 400 -22.11 16.56 20.03
N ALA B 401 -22.53 16.11 21.21
CA ALA B 401 -23.30 17.00 22.09
C ALA B 401 -22.55 18.29 22.37
N ALA B 402 -21.24 18.19 22.55
CA ALA B 402 -20.41 19.36 22.87
C ALA B 402 -20.18 20.29 21.68
N GLY B 403 -20.64 19.94 20.48
CA GLY B 403 -20.29 20.74 19.31
C GLY B 403 -18.82 20.71 18.95
N ALA B 404 -18.07 19.72 19.44
CA ALA B 404 -16.66 19.56 19.14
C ALA B 404 -16.41 18.49 18.08
N ASP B 405 -17.43 18.17 17.29
CA ASP B 405 -17.33 17.10 16.29
C ASP B 405 -16.67 17.61 15.00
N THR B 406 -15.47 18.15 15.16
CA THR B 406 -14.65 18.45 13.99
C THR B 406 -14.31 17.16 13.27
N PRO B 407 -13.99 17.24 11.97
CA PRO B 407 -13.53 16.04 11.28
C PRO B 407 -12.30 15.42 11.92
N GLU B 408 -11.36 16.25 12.38
CA GLU B 408 -10.17 15.73 13.03
C GLU B 408 -10.54 14.86 14.24
N ASN B 409 -11.43 15.37 15.10
CA ASN B 409 -11.86 14.60 16.27
C ASN B 409 -12.65 13.35 15.87
N MET B 410 -13.67 13.53 15.01
CA MET B 410 -14.54 12.38 14.72
C MET B 410 -13.82 11.30 13.97
N ASN B 411 -12.80 11.65 13.15
CA ASN B 411 -12.07 10.64 12.42
C ASN B 411 -11.31 9.68 13.32
N THR B 412 -11.05 10.07 14.58
CA THR B 412 -10.33 9.18 15.47
C THR B 412 -11.21 8.05 16.01
N PHE B 413 -12.52 8.10 15.82
CA PHE B 413 -13.44 7.17 16.52
C PHE B 413 -13.80 5.98 15.65
N GLN B 414 -13.92 4.81 16.30
CA GLN B 414 -14.55 3.65 15.68
C GLN B 414 -16.01 3.53 16.04
N GLY B 415 -16.43 4.05 17.18
CA GLY B 415 -17.83 4.08 17.51
C GLY B 415 -18.52 5.20 16.75
N VAL B 416 -19.84 5.31 16.98
CA VAL B 416 -20.67 6.28 16.26
C VAL B 416 -21.53 7.02 17.26
N SER B 417 -21.85 8.26 16.94
CA SER B 417 -22.65 9.06 17.84
C SER B 417 -24.01 8.43 18.08
N LEU B 418 -24.43 8.41 19.34
CA LEU B 418 -25.74 7.90 19.72
C LEU B 418 -26.81 9.00 19.75
N LEU B 419 -26.47 10.23 19.47
CA LEU B 419 -27.48 11.27 19.53
C LEU B 419 -28.75 11.00 18.69
N PRO B 420 -28.61 10.56 17.46
CA PRO B 420 -29.84 10.34 16.68
C PRO B 420 -30.75 9.34 17.33
N THR B 421 -30.23 8.24 17.85
CA THR B 421 -31.09 7.28 18.49
C THR B 421 -31.52 7.75 19.87
N ALA B 422 -30.68 8.54 20.55
CA ALA B 422 -31.13 9.07 21.83
C ALA B 422 -32.26 10.08 21.65
N PHE B 423 -32.28 10.79 20.53
CA PHE B 423 -33.29 11.82 20.34
C PHE B 423 -34.62 11.22 19.87
N THR B 424 -34.58 10.05 19.24
CA THR B 424 -35.77 9.41 18.67
C THR B 424 -36.29 8.23 19.46
N GLY B 425 -35.40 7.53 20.18
CA GLY B 425 -35.75 6.27 20.78
C GLY B 425 -35.77 5.11 19.83
N LYS B 426 -35.37 5.33 18.58
CA LYS B 426 -35.53 4.33 17.53
C LYS B 426 -34.20 4.06 16.86
N THR B 427 -34.15 2.99 16.11
CA THR B 427 -32.97 2.61 15.40
C THR B 427 -32.78 3.42 14.12
N PRO B 428 -31.67 4.13 13.96
CA PRO B 428 -31.49 4.93 12.74
C PRO B 428 -31.28 4.05 11.51
N ASP B 429 -31.51 4.63 10.33
CA ASP B 429 -31.16 3.95 9.09
C ASP B 429 -29.64 3.81 9.01
N ASN B 430 -29.16 2.80 8.29
CA ASN B 430 -27.74 2.57 8.13
C ASN B 430 -27.06 2.15 9.44
N TRP B 431 -27.85 1.68 10.41
CA TRP B 431 -27.26 1.36 11.72
C TRP B 431 -26.50 0.05 11.68
N ARG B 432 -25.47 -0.05 12.52
CA ARG B 432 -24.71 -1.30 12.61
C ARG B 432 -25.64 -2.47 12.85
N ASP B 433 -25.26 -3.63 12.31
CA ASP B 433 -26.01 -4.86 12.54
C ASP B 433 -25.31 -5.79 13.50
N ALA B 434 -24.12 -5.42 13.92
CA ALA B 434 -23.35 -6.28 14.83
C ALA B 434 -22.25 -5.51 15.53
N ILE B 435 -21.90 -6.00 16.71
CA ILE B 435 -20.77 -5.42 17.48
C ILE B 435 -19.68 -6.46 17.60
N TYR B 436 -18.47 -5.99 17.72
CA TYR B 436 -17.31 -6.84 17.98
C TYR B 436 -16.96 -6.81 19.45
N TYR B 437 -16.53 -7.95 19.99
CA TYR B 437 -16.17 -8.12 21.39
C TYR B 437 -14.83 -8.84 21.48
N CYS B 438 -13.95 -8.40 22.40
CA CYS B 438 -12.70 -9.16 22.59
C CYS B 438 -12.24 -9.04 24.04
N PHE B 439 -11.82 -10.18 24.62
CA PHE B 439 -11.33 -10.22 25.98
C PHE B 439 -9.95 -10.88 25.98
N TYR B 440 -9.02 -10.29 26.77
CA TYR B 440 -7.61 -10.63 26.69
C TYR B 440 -6.98 -11.20 27.96
N GLU B 441 -7.62 -11.07 29.12
CA GLU B 441 -6.90 -11.28 30.38
C GLU B 441 -6.87 -12.76 30.76
N ASN B 442 -6.05 -13.52 30.01
CA ASN B 442 -5.68 -14.89 30.36
C ASN B 442 -4.23 -15.05 29.95
N PRO B 443 -3.34 -15.48 30.89
CA PRO B 443 -3.71 -15.73 32.28
C PRO B 443 -4.21 -14.52 33.04
N GLY B 444 -5.07 -14.76 34.03
CA GLY B 444 -5.64 -13.63 34.77
C GLY B 444 -6.55 -14.11 35.88
N GLU B 445 -6.77 -13.20 36.82
CA GLU B 445 -7.73 -13.47 37.89
C GLU B 445 -9.05 -13.94 37.29
N HIS B 446 -9.67 -14.93 37.95
CA HIS B 446 -10.94 -15.58 37.58
C HIS B 446 -10.82 -16.50 36.37
N ASN B 447 -9.67 -16.51 35.69
CA ASN B 447 -9.38 -17.50 34.63
C ASN B 447 -10.43 -17.51 33.53
N ALA B 448 -10.91 -16.34 33.14
CA ALA B 448 -11.69 -16.30 31.91
C ALA B 448 -10.74 -16.41 30.71
N PRO B 449 -11.16 -17.08 29.64
CA PRO B 449 -10.27 -17.30 28.49
C PRO B 449 -10.13 -16.05 27.63
N ARG B 450 -9.04 -15.97 26.87
CA ARG B 450 -9.04 -15.04 25.75
C ARG B 450 -10.07 -15.51 24.73
N HIS B 451 -10.98 -14.62 24.35
CA HIS B 451 -11.99 -15.00 23.38
C HIS B 451 -12.50 -13.73 22.73
N ASP B 452 -12.95 -13.86 21.48
CA ASP B 452 -13.59 -12.72 20.84
C ASP B 452 -14.81 -13.25 20.09
N GLY B 453 -15.53 -12.35 19.45
CA GLY B 453 -16.78 -12.77 18.83
C GLY B 453 -17.59 -11.56 18.40
N ILE B 454 -18.82 -11.87 17.98
CA ILE B 454 -19.74 -10.82 17.56
C ILE B 454 -21.10 -11.07 18.18
N ARG B 455 -21.83 -9.99 18.36
CA ARG B 455 -23.23 -10.04 18.79
C ARG B 455 -24.05 -9.40 17.69
N THR B 456 -25.00 -10.16 17.14
CA THR B 456 -25.95 -9.60 16.19
C THR B 456 -27.25 -9.42 16.94
N ASP B 457 -28.34 -9.11 16.21
CA ASP B 457 -29.63 -8.99 16.89
C ASP B 457 -30.00 -10.29 17.58
N ARG B 458 -29.82 -11.41 16.91
CA ARG B 458 -30.33 -12.70 17.47
C ARG B 458 -29.21 -13.63 17.98
N TYR B 459 -27.98 -13.37 17.59
CA TYR B 459 -26.94 -14.37 17.92
C TYR B 459 -25.70 -13.87 18.65
N THR B 460 -25.10 -14.79 19.39
CA THR B 460 -23.79 -14.53 20.01
C THR B 460 -22.83 -15.61 19.47
N LEU B 461 -21.82 -15.22 18.71
CA LEU B 461 -20.84 -16.15 18.14
C LEU B 461 -19.48 -15.81 18.75
N SER B 462 -18.77 -16.84 19.24
CA SER B 462 -17.46 -16.52 19.85
C SER B 462 -16.46 -17.61 19.56
N TYR B 463 -15.21 -17.23 19.32
CA TYR B 463 -14.10 -18.20 19.29
C TYR B 463 -13.31 -18.04 20.56
N ILE B 464 -13.15 -19.13 21.30
CA ILE B 464 -12.35 -19.13 22.53
C ILE B 464 -10.93 -19.50 22.14
N TRP B 465 -10.03 -18.50 22.15
CA TRP B 465 -8.67 -18.74 21.68
C TRP B 465 -7.89 -19.62 22.66
N THR B 466 -8.11 -19.44 23.96
CA THR B 466 -7.32 -20.17 24.94
C THR B 466 -7.53 -21.68 24.81
N SER B 467 -8.76 -22.12 24.54
CA SER B 467 -9.07 -23.55 24.48
C SER B 467 -9.33 -24.06 23.07
N ASP B 468 -9.32 -23.20 22.06
CA ASP B 468 -9.61 -23.57 20.68
C ASP B 468 -10.99 -24.20 20.57
N GLU B 469 -12.01 -23.45 21.04
CA GLU B 469 -13.40 -23.90 20.99
C GLU B 469 -14.27 -22.77 20.48
N TRP B 470 -15.21 -23.10 19.57
CA TRP B 470 -16.22 -22.16 19.10
C TRP B 470 -17.52 -22.33 19.88
N MET B 471 -18.27 -21.24 20.03
CA MET B 471 -19.63 -21.37 20.55
C MET B 471 -20.59 -20.42 19.84
N LEU B 472 -21.85 -20.82 19.81
CA LEU B 472 -22.91 -20.03 19.17
C LEU B 472 -24.16 -20.15 20.02
N PHE B 473 -24.80 -19.04 20.32
CA PHE B 473 -26.08 -19.08 21.06
C PHE B 473 -27.16 -18.37 20.26
N ASP B 474 -28.32 -19.03 20.20
CA ASP B 474 -29.51 -18.47 19.52
C ASP B 474 -30.34 -17.79 20.61
N MET B 475 -30.25 -16.48 20.68
CA MET B 475 -30.89 -15.72 21.78
C MET B 475 -32.42 -15.65 21.66
N LYS B 476 -32.97 -16.03 20.51
CA LYS B 476 -34.45 -16.08 20.40
C LYS B 476 -34.94 -17.33 21.13
N LYS B 477 -34.23 -18.45 20.97
CA LYS B 477 -34.68 -19.67 21.62
C LYS B 477 -34.02 -19.94 22.97
N ASP B 478 -32.87 -19.32 23.25
CA ASP B 478 -32.00 -19.71 24.36
C ASP B 478 -31.36 -18.46 24.95
N PRO B 479 -32.17 -17.49 25.41
CA PRO B 479 -31.60 -16.26 25.94
C PRO B 479 -30.69 -16.47 27.16
N MET B 480 -30.84 -17.60 27.83
CA MET B 480 -30.05 -17.95 29.00
C MET B 480 -28.67 -18.54 28.66
N GLN B 481 -28.48 -18.82 27.37
CA GLN B 481 -27.23 -19.31 26.82
C GLN B 481 -26.78 -20.59 27.46
N MET B 482 -27.67 -21.56 27.44
CA MET B 482 -27.42 -22.86 27.99
C MET B 482 -27.08 -23.93 26.96
N LYS B 483 -27.28 -23.64 25.68
CA LYS B 483 -27.04 -24.63 24.63
C LYS B 483 -26.18 -24.10 23.45
N ASN B 484 -24.94 -24.54 23.35
CA ASN B 484 -24.08 -24.15 22.27
C ASN B 484 -24.54 -24.87 21.01
N VAL B 485 -24.93 -24.12 19.98
CA VAL B 485 -25.44 -24.77 18.78
C VAL B 485 -24.44 -24.69 17.63
N ILE B 486 -23.16 -24.44 17.92
CA ILE B 486 -22.16 -24.28 16.87
C ILE B 486 -22.09 -25.51 15.96
N ASP B 487 -22.27 -26.71 16.54
CA ASP B 487 -22.19 -27.96 15.78
C ASP B 487 -23.54 -28.59 15.54
N ASP B 488 -24.62 -27.89 15.81
CA ASP B 488 -25.96 -28.37 15.50
C ASP B 488 -26.19 -28.31 13.99
N PRO B 489 -26.54 -29.41 13.33
CA PRO B 489 -26.66 -29.36 11.86
C PRO B 489 -27.66 -28.31 11.38
N ALA B 490 -28.71 -28.07 12.14
CA ALA B 490 -29.70 -27.06 11.76
C ALA B 490 -29.12 -25.65 11.71
N TYR B 491 -27.93 -25.42 12.26
CA TYR B 491 -27.33 -24.10 12.27
C TYR B 491 -26.12 -23.99 11.37
N LYS B 492 -25.89 -24.98 10.49
CA LYS B 492 -24.70 -24.98 9.66
C LYS B 492 -24.63 -23.72 8.79
N THR B 493 -25.73 -23.33 8.15
CA THR B 493 -25.66 -22.16 7.28
C THR B 493 -25.53 -20.88 8.11
N THR B 494 -26.22 -20.82 9.25
CA THR B 494 -26.08 -19.68 10.16
C THR B 494 -24.63 -19.52 10.59
N VAL B 495 -23.97 -20.62 10.95
CA VAL B 495 -22.57 -20.52 11.38
C VAL B 495 -21.71 -19.95 10.26
N GLU B 496 -21.90 -20.43 9.02
CA GLU B 496 -21.14 -19.89 7.90
C GLU B 496 -21.32 -18.38 7.76
N GLN B 497 -22.57 -17.92 7.78
CA GLN B 497 -22.86 -16.51 7.62
C GLN B 497 -22.28 -15.68 8.76
N LEU B 498 -22.40 -16.16 9.99
CA LEU B 498 -21.92 -15.40 11.15
C LEU B 498 -20.40 -15.38 11.20
N LYS B 499 -19.75 -16.49 10.82
CA LYS B 499 -18.28 -16.48 10.77
C LYS B 499 -17.78 -15.50 9.72
N LYS B 500 -18.45 -15.46 8.56
CA LYS B 500 -18.13 -14.45 7.57
C LYS B 500 -18.24 -13.04 8.15
N ARG B 501 -19.31 -12.78 8.88
CA ARG B 501 -19.50 -11.45 9.47
C ARG B 501 -18.44 -11.17 10.54
N TYR B 502 -18.10 -12.17 11.34
CA TYR B 502 -17.05 -12.04 12.36
C TYR B 502 -15.72 -11.65 11.72
N HIS B 503 -15.31 -12.34 10.66
CA HIS B 503 -14.06 -11.94 10.02
C HIS B 503 -14.17 -10.59 9.34
N GLU B 504 -15.33 -10.25 8.79
CA GLU B 504 -15.51 -8.89 8.25
C GLU B 504 -15.32 -7.82 9.33
N LEU B 505 -15.89 -8.02 10.51
CA LEU B 505 -15.75 -7.00 11.56
C LEU B 505 -14.32 -6.93 12.06
N ARG B 506 -13.66 -8.08 12.17
CA ARG B 506 -12.25 -8.03 12.57
C ARG B 506 -11.45 -7.20 11.57
N LYS B 507 -11.73 -7.34 10.29
CA LYS B 507 -11.00 -6.55 9.29
C LYS B 507 -11.42 -5.09 9.37
N THR B 508 -12.71 -4.83 9.51
CA THR B 508 -13.24 -3.47 9.60
C THR B 508 -12.61 -2.70 10.77
N TYR B 509 -12.51 -3.34 11.94
CA TYR B 509 -11.94 -2.68 13.13
C TYR B 509 -10.43 -2.84 13.24
N LYS B 510 -9.77 -3.40 12.23
CA LYS B 510 -8.32 -3.52 12.15
C LYS B 510 -7.75 -4.38 13.27
N VAL B 511 -8.45 -5.49 13.56
CA VAL B 511 -7.92 -6.44 14.54
C VAL B 511 -6.77 -7.22 13.91
N PRO B 512 -5.66 -7.27 14.60
CA PRO B 512 -4.60 -8.02 13.98
C PRO B 512 -4.86 -9.52 13.95
N GLU B 513 -4.21 -10.19 13.00
CA GLU B 513 -4.23 -11.61 12.90
C GLU B 513 -3.44 -12.04 14.16
N ASN B 514 -3.82 -13.12 14.72
CA ASN B 514 -3.24 -13.71 15.93
C ASN B 514 -3.60 -12.98 17.23
N SER B 515 -4.52 -12.02 17.21
CA SER B 515 -4.95 -11.36 18.41
C SER B 515 -6.39 -11.80 18.65
N PRO B 516 -6.76 -12.10 19.90
CA PRO B 516 -6.07 -11.90 21.16
C PRO B 516 -4.99 -12.97 21.47
N GLY B 517 -4.99 -14.04 20.71
CA GLY B 517 -4.01 -15.08 20.84
C GLY B 517 -4.33 -16.28 21.73
N GLY B 518 -3.85 -17.45 21.34
CA GLY B 518 -4.07 -18.67 22.12
C GLY B 518 -3.04 -18.84 23.22
N LYS B 519 -3.02 -20.05 23.79
CA LYS B 519 -2.24 -20.32 25.00
C LYS B 519 -0.74 -20.20 24.74
N GLY B 520 -0.31 -20.30 23.50
CA GLY B 520 1.09 -20.22 23.12
C GLY B 520 1.60 -18.82 22.85
N THR B 521 0.84 -17.81 23.22
CA THR B 521 1.20 -16.41 22.97
C THR B 521 1.09 -15.62 24.27
N PRO B 522 1.90 -14.56 24.41
CA PRO B 522 1.75 -13.67 25.56
C PRO B 522 0.53 -12.78 25.38
N ILE B 523 0.07 -12.21 26.48
CA ILE B 523 -1.03 -11.26 26.27
C ILE B 523 -0.51 -10.13 25.39
N PRO B 524 -1.23 -9.73 24.32
CA PRO B 524 -0.66 -8.75 23.40
C PRO B 524 -0.46 -7.37 23.98
N LYS B 525 0.46 -6.64 23.36
CA LYS B 525 0.78 -5.27 23.66
C LYS B 525 0.53 -4.47 22.40
N PHE B 526 -0.05 -3.31 22.50
CA PHE B 526 -0.24 -2.51 21.34
C PHE B 526 0.04 -1.03 21.59
N ASP B 527 0.68 -0.37 20.65
CA ASP B 527 0.71 1.08 20.64
C ASP B 527 -0.66 1.62 20.24
N ALA B 528 -1.05 2.75 20.80
CA ALA B 528 -2.33 3.35 20.42
C ALA B 528 -2.32 3.71 18.95
N SER B 529 -3.44 3.51 18.29
CA SER B 529 -3.55 3.86 16.87
C SER B 529 -4.93 4.40 16.60
N TRP B 530 -5.03 5.22 15.55
CA TRP B 530 -6.28 5.86 15.15
C TRP B 530 -6.14 6.44 13.73
#